data_1PGE
#
_entry.id   1PGE
#
_cell.length_a   99.690
_cell.length_b   209.940
_cell.length_c   234.280
_cell.angle_alpha   90.00
_cell.angle_beta   90.00
_cell.angle_gamma   90.00
#
_symmetry.space_group_name_H-M   'I 2 2 2'
#
loop_
_entity.id
_entity.type
_entity.pdbx_description
1 polymer 'PROSTAGLANDIN H2 SYNTHASE-1'
2 branched 2-acetamido-2-deoxy-beta-D-glucopyranose-(1-4)-2-acetamido-2-deoxy-beta-D-glucopyranose
3 non-polymer 2-acetamido-2-deoxy-beta-D-glucopyranose
4 non-polymer 'octyl beta-D-glucopyranoside'
5 non-polymer 'PROTOPORPHYRIN IX CONTAINING FE'
6 non-polymer "P-(2'-IODO-5'-THENOYL)HYDROTROPIC ACID"
#
_entity_poly.entity_id   1
_entity_poly.type   'polypeptide(L)'
_entity_poly.pdbx_seq_one_letter_code
;ADPGAPAPVNPCCYYPCQHQGICVRFGLDRYQCDCTRTGYSGPNCTIPEIWTWLRTTLRPSPSFIHFLLTHGRWLWDFVN
ATFIRDTLMRLVLTVRSNLIPSPPTYNIAHDYISWESFSNVSYYTRILPSVPRDCPTPMGTKGKKQLPDAEFLSRRFLLR
RKFIPDPQGTNLMFAFFAQHFTHQFFKTSGKMGPGFTKALGHGVDLGHIYGDNLERQYQLRLFKDGKLKYQMLNGEVYPP
SVEEAPVLMHYPRGIPPQSQMAVGQEVFGLLPGLMLYATIWLREHNRVCDLLKAEHPTWGDEQLFQTARLILIGETIKIV
IEEYVQQLSGYFLQLKFDPELLFGAQFQYRNRIAMEFNQLYHWHPLMPDSFRVGPQDYSYEQFLFNTSMLVDYGVEALVD
AFSRQPAGRIGGGRNIDHHILHVAVDVIKESRVLRLQPFNEYRKRFGMKPYTSFQELTGEKEMAAELEELYGDIDALEFY
PGLLLEKCHPNSIFGESMIEMGAPFSLKGLLGNPICSPEYWKASTFGGEVGFNLVKTATLKKLVCLNTKTCPYVSFHVPD
PRQEDRPGVERPPTEL
;
_entity_poly.pdbx_strand_id   A,B
#
# COMPACT_ATOMS: atom_id res chain seq x y z
N VAL A 9 -8.16 -11.34 36.48
CA VAL A 9 -7.47 -11.86 35.26
C VAL A 9 -7.94 -11.06 34.06
N ASN A 10 -7.11 -10.99 33.03
CA ASN A 10 -7.51 -10.28 31.85
C ASN A 10 -8.61 -11.10 31.19
N PRO A 11 -9.85 -10.58 31.21
CA PRO A 11 -10.97 -11.30 30.62
C PRO A 11 -10.67 -11.72 29.21
N CYS A 12 -9.94 -10.91 28.48
CA CYS A 12 -9.61 -11.26 27.13
C CYS A 12 -8.74 -12.51 27.01
N CYS A 13 -8.12 -12.92 28.12
CA CYS A 13 -7.30 -14.13 28.12
C CYS A 13 -8.17 -15.35 27.85
N TYR A 14 -9.44 -15.27 28.25
CA TYR A 14 -10.36 -16.36 28.04
C TYR A 14 -10.75 -16.42 26.58
N TYR A 15 -10.21 -15.49 25.79
CA TYR A 15 -10.52 -15.40 24.37
C TYR A 15 -12.06 -15.43 24.21
N PRO A 16 -12.76 -14.56 24.95
CA PRO A 16 -14.22 -14.54 24.84
C PRO A 16 -14.89 -14.24 23.49
N CYS A 17 -14.22 -13.51 22.60
CA CYS A 17 -14.87 -13.16 21.31
C CYS A 17 -14.75 -14.13 20.15
N GLN A 18 -15.84 -14.85 19.90
CA GLN A 18 -15.96 -15.83 18.82
C GLN A 18 -16.08 -15.18 17.45
N HIS A 19 -15.95 -16.02 16.42
CA HIS A 19 -16.08 -15.60 15.03
C HIS A 19 -15.47 -14.25 14.65
N GLN A 20 -14.20 -14.08 14.98
CA GLN A 20 -13.47 -12.89 14.63
C GLN A 20 -13.92 -11.63 15.34
N GLY A 21 -14.71 -11.79 16.40
CA GLY A 21 -15.15 -10.63 17.16
C GLY A 21 -13.91 -10.03 17.81
N ILE A 22 -13.90 -8.76 18.17
CA ILE A 22 -12.71 -8.17 18.78
C ILE A 22 -12.86 -8.02 20.27
N CYS A 23 -11.87 -8.45 21.04
CA CYS A 23 -12.01 -8.34 22.49
C CYS A 23 -11.46 -7.01 22.98
N VAL A 24 -12.34 -6.08 23.32
CA VAL A 24 -11.90 -4.78 23.84
C VAL A 24 -12.04 -4.73 25.35
N ARG A 25 -10.96 -4.41 26.04
CA ARG A 25 -11.02 -4.34 27.48
C ARG A 25 -11.72 -3.03 27.87
N PHE A 26 -12.36 -3.02 29.03
CA PHE A 26 -13.03 -1.82 29.55
C PHE A 26 -12.95 -1.89 31.08
N GLY A 27 -13.07 -0.75 31.74
CA GLY A 27 -12.95 -0.74 33.19
C GLY A 27 -11.64 -1.44 33.54
N LEU A 28 -11.54 -2.01 34.72
CA LEU A 28 -10.31 -2.71 35.07
C LEU A 28 -10.64 -4.17 35.13
N ASP A 29 -11.84 -4.51 34.69
CA ASP A 29 -12.30 -5.87 34.81
C ASP A 29 -13.34 -6.25 33.78
N ARG A 30 -13.65 -5.37 32.85
CA ARG A 30 -14.66 -5.69 31.87
C ARG A 30 -14.07 -5.89 30.49
N TYR A 31 -14.95 -6.27 29.57
CA TYR A 31 -14.55 -6.45 28.20
C TYR A 31 -15.81 -6.39 27.36
N GLN A 32 -15.64 -6.03 26.10
CA GLN A 32 -16.72 -5.96 25.13
C GLN A 32 -16.19 -6.56 23.84
N CYS A 33 -16.99 -7.39 23.19
CA CYS A 33 -16.58 -7.99 21.93
C CYS A 33 -17.08 -7.15 20.77
N ASP A 34 -16.25 -6.91 19.76
CA ASP A 34 -16.72 -6.15 18.63
C ASP A 34 -17.05 -7.17 17.55
N CYS A 35 -18.33 -7.40 17.33
CA CYS A 35 -18.76 -8.37 16.33
C CYS A 35 -19.21 -7.69 15.04
N THR A 36 -18.68 -6.50 14.79
CA THR A 36 -19.09 -5.78 13.58
C THR A 36 -18.80 -6.64 12.41
N ARG A 37 -19.76 -6.76 11.50
CA ARG A 37 -19.56 -7.56 10.30
C ARG A 37 -19.06 -8.98 10.57
N THR A 38 -19.26 -9.51 11.77
CA THR A 38 -18.79 -10.86 12.02
C THR A 38 -19.81 -11.85 11.52
N GLY A 39 -21.06 -11.43 11.46
CA GLY A 39 -22.12 -12.32 11.02
C GLY A 39 -22.76 -12.98 12.23
N TYR A 40 -22.38 -12.51 13.42
CA TYR A 40 -22.90 -13.02 14.69
C TYR A 40 -23.24 -11.84 15.59
N SER A 41 -24.06 -12.10 16.59
CA SER A 41 -24.49 -11.08 17.53
C SER A 41 -24.28 -11.70 18.88
N GLY A 42 -24.55 -10.94 19.93
CA GLY A 42 -24.37 -11.50 21.25
C GLY A 42 -23.17 -10.93 21.95
N PRO A 43 -23.02 -11.22 23.24
CA PRO A 43 -21.90 -10.70 24.00
C PRO A 43 -20.55 -11.24 23.53
N ASN A 44 -20.57 -12.41 22.89
CA ASN A 44 -19.32 -13.00 22.42
C ASN A 44 -19.35 -13.32 20.94
N CYS A 45 -20.24 -12.67 20.20
CA CYS A 45 -20.36 -12.91 18.76
C CYS A 45 -20.61 -14.39 18.53
N THR A 46 -21.80 -14.85 18.90
CA THR A 46 -22.19 -16.25 18.76
C THR A 46 -23.55 -16.49 18.14
N ILE A 47 -24.53 -15.65 18.46
CA ILE A 47 -25.84 -15.79 17.87
C ILE A 47 -25.68 -15.45 16.40
N PRO A 48 -25.78 -16.44 15.53
CA PRO A 48 -25.61 -16.12 14.11
C PRO A 48 -26.80 -15.47 13.45
N GLU A 49 -26.56 -14.95 12.25
CA GLU A 49 -27.59 -14.34 11.43
C GLU A 49 -28.11 -15.53 10.65
N ILE A 50 -29.36 -15.46 10.20
CA ILE A 50 -29.92 -16.60 9.49
C ILE A 50 -29.06 -17.09 8.35
N TRP A 51 -28.60 -16.14 7.53
CA TRP A 51 -27.80 -16.50 6.39
C TRP A 51 -26.49 -17.10 6.86
N THR A 52 -25.86 -16.46 7.82
CA THR A 52 -24.62 -16.99 8.35
C THR A 52 -24.83 -18.40 8.80
N TRP A 53 -25.95 -18.63 9.47
CA TRP A 53 -26.26 -19.96 9.96
C TRP A 53 -26.36 -20.97 8.84
N LEU A 54 -26.99 -20.60 7.75
CA LEU A 54 -27.10 -21.50 6.60
C LEU A 54 -25.72 -21.74 6.03
N ARG A 55 -25.08 -20.65 5.62
CA ARG A 55 -23.75 -20.67 5.04
C ARG A 55 -22.86 -21.64 5.78
N THR A 56 -22.94 -21.64 7.09
CA THR A 56 -22.11 -22.53 7.87
C THR A 56 -22.65 -23.94 8.00
N THR A 57 -23.96 -24.10 8.21
CA THR A 57 -24.52 -25.45 8.35
C THR A 57 -24.43 -26.25 7.07
N LEU A 58 -23.92 -25.64 6.01
CA LEU A 58 -23.82 -26.34 4.76
C LEU A 58 -22.40 -26.53 4.25
N ARG A 59 -21.43 -25.78 4.77
CA ARG A 59 -20.06 -25.92 4.33
C ARG A 59 -19.55 -27.34 4.50
N PRO A 60 -19.26 -28.05 3.40
CA PRO A 60 -18.76 -29.43 3.50
C PRO A 60 -17.36 -29.39 4.13
N SER A 61 -17.07 -30.35 4.98
CA SER A 61 -15.80 -30.36 5.68
C SER A 61 -14.63 -30.19 4.75
N PRO A 62 -13.53 -29.65 5.27
CA PRO A 62 -12.33 -29.46 4.46
C PRO A 62 -11.94 -30.82 3.92
N SER A 63 -12.14 -31.84 4.75
CA SER A 63 -11.81 -33.20 4.38
C SER A 63 -12.59 -33.67 3.16
N PHE A 64 -13.89 -33.47 3.15
CA PHE A 64 -14.72 -33.88 2.02
C PHE A 64 -14.23 -33.18 0.77
N ILE A 65 -14.07 -31.88 0.88
CA ILE A 65 -13.62 -31.09 -0.25
C ILE A 65 -12.33 -31.66 -0.81
N HIS A 66 -11.35 -31.88 0.06
CA HIS A 66 -10.06 -32.42 -0.34
C HIS A 66 -10.21 -33.74 -1.09
N PHE A 67 -11.12 -34.56 -0.59
CA PHE A 67 -11.40 -35.85 -1.18
C PHE A 67 -11.87 -35.69 -2.61
N LEU A 68 -12.85 -34.81 -2.80
CA LEU A 68 -13.37 -34.57 -4.12
C LEU A 68 -12.30 -34.01 -5.06
N LEU A 69 -11.49 -33.10 -4.55
CA LEU A 69 -10.47 -32.49 -5.39
C LEU A 69 -9.33 -33.39 -5.77
N THR A 70 -9.35 -34.62 -5.28
CA THR A 70 -8.29 -35.55 -5.60
C THR A 70 -8.79 -36.85 -6.19
N HIS A 71 -10.06 -36.89 -6.58
CA HIS A 71 -10.63 -38.10 -7.15
C HIS A 71 -11.46 -37.88 -8.39
N GLY A 72 -11.69 -38.96 -9.12
CA GLY A 72 -12.48 -38.88 -10.32
C GLY A 72 -11.77 -38.17 -11.43
N ARG A 73 -10.50 -38.53 -11.61
CA ARG A 73 -9.64 -37.91 -12.63
C ARG A 73 -10.45 -37.63 -13.88
N TRP A 74 -11.23 -38.62 -14.28
CA TRP A 74 -12.09 -38.53 -15.45
C TRP A 74 -13.04 -37.37 -15.39
N LEU A 75 -13.82 -37.30 -14.33
CA LEU A 75 -14.77 -36.23 -14.21
C LEU A 75 -14.05 -34.89 -14.23
N TRP A 76 -12.91 -34.83 -13.55
CA TRP A 76 -12.14 -33.59 -13.49
C TRP A 76 -11.59 -33.14 -14.81
N ASP A 77 -11.17 -34.09 -15.63
CA ASP A 77 -10.64 -33.75 -16.95
C ASP A 77 -11.67 -33.03 -17.78
N PHE A 78 -12.93 -33.42 -17.62
CA PHE A 78 -13.98 -32.77 -18.35
C PHE A 78 -14.13 -31.35 -17.82
N VAL A 79 -14.28 -31.24 -16.51
CA VAL A 79 -14.43 -29.95 -15.86
C VAL A 79 -13.33 -29.03 -16.35
N ASN A 80 -12.08 -29.49 -16.23
CA ASN A 80 -10.93 -28.70 -16.67
C ASN A 80 -11.07 -28.20 -18.10
N ALA A 81 -11.84 -28.92 -18.90
CA ALA A 81 -12.03 -28.57 -20.29
C ALA A 81 -13.19 -27.62 -20.54
N THR A 82 -14.00 -27.39 -19.51
CA THR A 82 -15.14 -26.52 -19.63
C THR A 82 -14.87 -25.19 -18.94
N PHE A 83 -15.85 -24.31 -18.94
CA PHE A 83 -15.72 -23.00 -18.29
C PHE A 83 -15.70 -23.17 -16.77
N ILE A 84 -16.20 -24.30 -16.31
CA ILE A 84 -16.23 -24.58 -14.88
C ILE A 84 -14.86 -24.46 -14.22
N ARG A 85 -13.79 -24.72 -14.96
CA ARG A 85 -12.45 -24.58 -14.40
C ARG A 85 -12.29 -23.16 -13.88
N ASP A 86 -12.51 -22.20 -14.76
CA ASP A 86 -12.39 -20.79 -14.42
C ASP A 86 -13.25 -20.40 -13.25
N THR A 87 -14.46 -20.94 -13.23
CA THR A 87 -15.36 -20.61 -12.16
C THR A 87 -14.84 -21.09 -10.80
N LEU A 88 -14.41 -22.33 -10.73
CA LEU A 88 -13.90 -22.86 -9.49
C LEU A 88 -12.63 -22.13 -9.13
N MET A 89 -11.82 -21.83 -10.15
CA MET A 89 -10.54 -21.15 -9.92
C MET A 89 -10.78 -19.79 -9.30
N ARG A 90 -11.84 -19.12 -9.76
CA ARG A 90 -12.19 -17.81 -9.23
C ARG A 90 -12.72 -17.98 -7.81
N LEU A 91 -13.52 -19.02 -7.61
CA LEU A 91 -14.09 -19.28 -6.28
C LEU A 91 -12.96 -19.42 -5.28
N VAL A 92 -12.09 -20.39 -5.52
CA VAL A 92 -10.93 -20.62 -4.67
C VAL A 92 -10.21 -19.30 -4.30
N LEU A 93 -9.79 -18.58 -5.34
CA LEU A 93 -9.10 -17.29 -5.20
C LEU A 93 -9.80 -16.32 -4.27
N THR A 94 -11.11 -16.19 -4.37
CA THR A 94 -11.78 -15.24 -3.50
C THR A 94 -12.03 -15.83 -2.13
N VAL A 95 -12.80 -16.90 -2.09
CA VAL A 95 -13.15 -17.55 -0.84
C VAL A 95 -11.93 -17.83 0.05
N ARG A 96 -10.78 -18.03 -0.56
CA ARG A 96 -9.57 -18.31 0.18
C ARG A 96 -8.98 -17.02 0.74
N SER A 97 -9.06 -15.96 -0.06
CA SER A 97 -8.53 -14.65 0.29
C SER A 97 -9.22 -13.89 1.42
N ASN A 98 -10.54 -13.99 1.52
CA ASN A 98 -11.27 -13.26 2.55
C ASN A 98 -10.81 -13.54 3.96
N LEU A 99 -10.09 -14.63 4.14
CA LEU A 99 -9.60 -14.99 5.46
C LEU A 99 -8.46 -14.09 5.90
N ILE A 100 -7.81 -13.47 4.93
CA ILE A 100 -6.70 -12.56 5.17
C ILE A 100 -7.15 -11.09 5.05
N PRO A 101 -7.02 -10.34 6.16
CA PRO A 101 -7.37 -8.91 6.31
C PRO A 101 -6.50 -7.92 5.56
N SER A 102 -7.15 -6.91 4.98
CA SER A 102 -6.47 -5.86 4.21
C SER A 102 -7.25 -4.56 4.22
N PRO A 103 -6.60 -3.47 4.65
CA PRO A 103 -5.22 -3.34 5.12
C PRO A 103 -4.99 -4.26 6.28
N PRO A 104 -3.74 -4.54 6.59
CA PRO A 104 -3.38 -5.43 7.71
C PRO A 104 -3.85 -4.89 9.05
N THR A 105 -3.79 -5.74 10.09
CA THR A 105 -4.25 -5.32 11.41
C THR A 105 -3.16 -5.04 12.45
N TYR A 106 -2.74 -6.07 13.18
CA TYR A 106 -1.76 -5.94 14.25
C TYR A 106 -0.32 -6.32 13.91
N ASN A 107 0.57 -6.06 14.85
CA ASN A 107 1.96 -6.44 14.73
C ASN A 107 2.44 -6.75 16.14
N ILE A 108 3.69 -7.19 16.25
CA ILE A 108 4.26 -7.56 17.54
C ILE A 108 4.14 -6.44 18.54
N ALA A 109 4.06 -5.22 18.02
CA ALA A 109 3.96 -4.00 18.84
C ALA A 109 2.55 -3.62 19.26
N HIS A 110 1.59 -3.74 18.35
CA HIS A 110 0.23 -3.35 18.64
C HIS A 110 -0.76 -4.45 18.39
N ASP A 111 -1.40 -4.89 19.46
CA ASP A 111 -2.41 -5.91 19.33
C ASP A 111 -3.73 -5.18 19.14
N TYR A 112 -3.68 -4.13 18.34
CA TYR A 112 -4.85 -3.31 18.02
C TYR A 112 -4.48 -2.64 16.72
N ILE A 113 -5.47 -2.18 15.97
CA ILE A 113 -5.19 -1.51 14.70
C ILE A 113 -4.55 -0.19 15.11
N SER A 114 -3.62 0.32 14.32
CA SER A 114 -2.98 1.59 14.66
C SER A 114 -2.33 2.13 13.41
N TRP A 115 -2.25 3.46 13.28
CA TRP A 115 -1.63 3.97 12.09
C TRP A 115 -0.22 3.40 11.89
N GLU A 116 0.55 3.34 12.98
CA GLU A 116 1.92 2.82 12.94
C GLU A 116 1.99 1.41 12.43
N SER A 117 1.09 0.55 12.90
CA SER A 117 1.11 -0.82 12.41
C SER A 117 0.84 -0.87 10.91
N PHE A 118 -0.06 0.00 10.47
CA PHE A 118 -0.47 0.09 9.07
C PHE A 118 0.56 0.68 8.18
N SER A 119 1.41 1.54 8.74
CA SER A 119 2.43 2.18 7.92
C SER A 119 3.87 1.74 8.14
N ASN A 120 4.23 1.36 9.36
CA ASN A 120 5.60 0.93 9.57
C ASN A 120 5.75 -0.47 8.99
N VAL A 121 6.28 -0.53 7.78
CA VAL A 121 6.43 -1.77 7.05
C VAL A 121 7.59 -2.71 7.45
N SER A 122 8.31 -2.35 8.51
CA SER A 122 9.39 -3.20 8.95
C SER A 122 8.85 -4.31 9.84
N TYR A 123 7.59 -4.20 10.25
CA TYR A 123 6.98 -5.24 11.09
C TYR A 123 6.25 -6.33 10.28
N TYR A 124 6.38 -7.57 10.74
CA TYR A 124 5.68 -8.70 10.14
C TYR A 124 4.33 -8.52 10.82
N THR A 125 3.25 -8.68 10.07
CA THR A 125 1.93 -8.52 10.63
C THR A 125 1.46 -9.86 11.15
N ARG A 126 0.33 -9.87 11.83
CA ARG A 126 -0.23 -11.09 12.38
C ARG A 126 -1.75 -11.09 12.27
N ILE A 127 -2.35 -12.28 12.25
CA ILE A 127 -3.80 -12.42 12.15
C ILE A 127 -4.46 -12.34 13.52
N LEU A 128 -3.86 -12.98 14.52
CA LEU A 128 -4.40 -12.98 15.87
C LEU A 128 -3.44 -12.35 16.87
N PRO A 129 -3.97 -11.40 17.64
CA PRO A 129 -3.23 -10.67 18.67
C PRO A 129 -2.66 -11.67 19.65
N SER A 130 -1.48 -11.35 20.16
CA SER A 130 -0.75 -12.20 21.11
C SER A 130 -1.49 -12.58 22.39
N VAL A 131 -1.00 -13.63 23.05
CA VAL A 131 -1.59 -14.04 24.30
C VAL A 131 -1.09 -12.92 25.18
N PRO A 132 -1.99 -12.19 25.82
CA PRO A 132 -1.65 -11.07 26.69
C PRO A 132 -0.63 -11.44 27.73
N ARG A 133 0.33 -10.55 27.96
CA ARG A 133 1.38 -10.82 28.96
C ARG A 133 0.84 -10.88 30.40
N ASP A 134 -0.44 -10.58 30.60
CA ASP A 134 -1.00 -10.61 31.93
C ASP A 134 -1.99 -11.75 32.14
N CYS A 135 -1.84 -12.82 31.36
CA CYS A 135 -2.71 -13.96 31.50
C CYS A 135 -2.13 -14.94 32.50
N PRO A 136 -2.95 -15.82 33.04
CA PRO A 136 -2.58 -16.85 34.02
C PRO A 136 -1.49 -17.78 33.51
N THR A 137 -1.77 -18.50 32.44
CA THR A 137 -0.76 -19.38 31.88
C THR A 137 -0.22 -18.70 30.65
N PRO A 138 0.80 -19.28 30.01
CA PRO A 138 1.40 -18.69 28.81
C PRO A 138 0.49 -18.72 27.57
N MET A 139 -0.39 -19.70 27.52
CA MET A 139 -1.29 -19.80 26.37
C MET A 139 -2.61 -19.10 26.67
N GLY A 140 -2.65 -18.47 27.83
CA GLY A 140 -3.84 -17.74 28.24
C GLY A 140 -4.38 -18.23 29.56
N THR A 141 -5.35 -19.12 29.46
CA THR A 141 -6.00 -19.68 30.62
C THR A 141 -5.65 -21.15 30.86
N LYS A 142 -5.75 -21.98 29.82
CA LYS A 142 -5.49 -23.41 29.97
C LYS A 142 -4.01 -23.74 29.82
N GLY A 143 -3.69 -25.02 30.01
CA GLY A 143 -2.30 -25.45 29.87
C GLY A 143 -1.57 -25.28 31.19
N LYS A 144 -0.28 -25.63 31.19
CA LYS A 144 0.53 -25.52 32.42
C LYS A 144 1.23 -24.16 32.47
N LYS A 145 1.79 -23.82 33.63
CA LYS A 145 2.47 -22.53 33.78
C LYS A 145 3.81 -22.53 33.07
N GLN A 146 4.29 -23.70 32.71
CA GLN A 146 5.57 -23.85 32.04
C GLN A 146 5.35 -24.60 30.75
N LEU A 147 5.83 -24.05 29.66
CA LEU A 147 5.68 -24.69 28.37
C LEU A 147 6.77 -25.74 28.16
N PRO A 148 6.46 -26.84 27.42
CA PRO A 148 7.42 -27.91 27.12
C PRO A 148 8.75 -27.38 26.63
N ASP A 149 9.84 -28.03 27.03
CA ASP A 149 11.16 -27.61 26.60
C ASP A 149 11.35 -27.84 25.10
N ALA A 150 11.32 -26.75 24.33
CA ALA A 150 11.48 -26.78 22.88
C ALA A 150 12.40 -27.88 22.36
N GLU A 151 13.64 -27.89 22.87
CA GLU A 151 14.68 -28.86 22.51
C GLU A 151 14.13 -30.26 22.62
N PHE A 152 13.65 -30.62 23.81
CA PHE A 152 13.08 -31.94 24.09
C PHE A 152 11.94 -32.21 23.13
N LEU A 153 10.95 -31.34 23.22
CA LEU A 153 9.77 -31.36 22.40
C LEU A 153 10.15 -31.69 20.95
N SER A 154 11.32 -31.21 20.53
CA SER A 154 11.80 -31.42 19.17
C SER A 154 12.45 -32.77 18.95
N ARG A 155 13.34 -33.18 19.86
CA ARG A 155 14.03 -34.47 19.72
C ARG A 155 13.06 -35.64 19.84
N ARG A 156 11.95 -35.39 20.52
CA ARG A 156 10.93 -36.41 20.76
C ARG A 156 9.95 -36.62 19.61
N PHE A 157 9.49 -35.54 18.98
CA PHE A 157 8.51 -35.68 17.91
C PHE A 157 8.83 -35.10 16.53
N LEU A 158 9.90 -34.33 16.41
CA LEU A 158 10.20 -33.75 15.11
C LEU A 158 11.47 -34.36 14.53
N LEU A 159 12.32 -34.91 15.41
CA LEU A 159 13.56 -35.51 14.97
C LEU A 159 13.36 -36.74 14.10
N ARG A 160 13.77 -36.60 12.84
CA ARG A 160 13.68 -37.68 11.87
C ARG A 160 14.47 -38.87 12.36
N ARG A 161 13.80 -40.02 12.46
CA ARG A 161 14.43 -41.26 12.88
C ARG A 161 14.73 -42.07 11.63
N LYS A 162 13.73 -42.19 10.76
CA LYS A 162 13.88 -42.91 9.52
C LYS A 162 13.27 -41.95 8.52
N PHE A 163 13.92 -41.77 7.38
CA PHE A 163 13.41 -40.84 6.38
C PHE A 163 12.09 -41.23 5.76
N ILE A 164 11.04 -40.52 6.13
CA ILE A 164 9.74 -40.79 5.54
C ILE A 164 9.72 -39.92 4.30
N PRO A 165 9.50 -40.50 3.13
CA PRO A 165 9.48 -39.63 1.96
C PRO A 165 8.07 -39.16 1.68
N ASP A 166 7.95 -38.00 1.01
CA ASP A 166 6.64 -37.47 0.67
C ASP A 166 6.01 -38.32 -0.39
N PRO A 167 4.79 -38.74 -0.12
CA PRO A 167 3.93 -39.57 -0.96
C PRO A 167 3.53 -38.91 -2.27
N GLN A 168 3.36 -37.59 -2.25
CA GLN A 168 2.97 -36.89 -3.47
C GLN A 168 4.04 -36.91 -4.57
N GLY A 169 5.23 -37.40 -4.23
CA GLY A 169 6.30 -37.50 -5.19
C GLY A 169 7.08 -36.23 -5.36
N THR A 170 6.85 -35.30 -4.45
CA THR A 170 7.56 -34.03 -4.46
C THR A 170 9.06 -34.37 -4.35
N ASN A 171 9.88 -33.73 -5.19
CA ASN A 171 11.32 -33.99 -5.20
C ASN A 171 12.15 -32.87 -4.57
N LEU A 172 13.44 -32.86 -4.83
CA LEU A 172 14.30 -31.82 -4.28
C LEU A 172 14.13 -30.53 -5.06
N MET A 173 13.96 -30.62 -6.38
CA MET A 173 13.78 -29.44 -7.23
C MET A 173 12.70 -28.52 -6.64
N PHE A 174 11.62 -29.12 -6.15
CA PHE A 174 10.51 -28.40 -5.52
C PHE A 174 10.96 -27.84 -4.17
N ALA A 175 11.68 -28.64 -3.39
CA ALA A 175 12.13 -28.19 -2.08
C ALA A 175 13.01 -26.98 -2.22
N PHE A 176 13.91 -26.99 -3.18
CA PHE A 176 14.80 -25.86 -3.37
C PHE A 176 14.07 -24.67 -3.93
N PHE A 177 13.16 -24.92 -4.86
CA PHE A 177 12.37 -23.82 -5.39
C PHE A 177 11.64 -23.15 -4.22
N ALA A 178 10.87 -23.93 -3.47
CA ALA A 178 10.14 -23.43 -2.32
C ALA A 178 11.05 -22.59 -1.43
N GLN A 179 12.14 -23.19 -0.99
CA GLN A 179 13.10 -22.49 -0.15
C GLN A 179 13.55 -21.17 -0.77
N HIS A 180 14.04 -21.24 -2.00
CA HIS A 180 14.51 -20.05 -2.72
C HIS A 180 13.44 -18.97 -2.79
N PHE A 181 12.26 -19.37 -3.21
CA PHE A 181 11.10 -18.50 -3.39
C PHE A 181 10.65 -17.83 -2.14
N THR A 182 10.48 -18.59 -1.08
CA THR A 182 10.01 -18.04 0.18
C THR A 182 11.02 -17.10 0.80
N HIS A 183 12.28 -17.19 0.40
CA HIS A 183 13.27 -16.30 0.99
C HIS A 183 13.33 -14.94 0.36
N GLN A 184 12.24 -14.56 -0.29
CA GLN A 184 12.14 -13.25 -0.87
C GLN A 184 11.19 -12.44 0.00
N PHE A 185 10.35 -13.11 0.78
CA PHE A 185 9.44 -12.39 1.67
C PHE A 185 9.60 -12.67 3.15
N PHE A 186 10.31 -13.75 3.46
CA PHE A 186 10.62 -14.13 4.83
C PHE A 186 12.11 -13.77 4.89
N LYS A 187 12.44 -12.74 5.67
CA LYS A 187 13.81 -12.25 5.78
C LYS A 187 13.89 -11.50 7.11
N THR A 188 13.67 -12.22 8.20
CA THR A 188 13.68 -11.62 9.54
C THR A 188 14.97 -10.89 9.88
N SER A 189 14.81 -9.69 10.44
CA SER A 189 15.90 -8.81 10.83
C SER A 189 16.52 -9.27 12.13
N GLY A 190 17.69 -9.88 12.03
CA GLY A 190 18.38 -10.38 13.21
C GLY A 190 18.78 -9.29 14.17
N LYS A 191 19.09 -8.12 13.65
CA LYS A 191 19.49 -7.00 14.48
C LYS A 191 18.27 -6.34 15.09
N MET A 192 17.11 -6.54 14.47
CA MET A 192 15.89 -5.93 14.96
C MET A 192 15.08 -6.77 15.92
N GLY A 193 15.16 -8.08 15.75
CA GLY A 193 14.41 -8.96 16.63
C GLY A 193 13.27 -9.59 15.89
N PRO A 194 12.62 -10.60 16.51
CA PRO A 194 11.49 -11.29 15.89
C PRO A 194 10.40 -10.28 15.57
N GLY A 195 9.63 -10.53 14.53
CA GLY A 195 8.55 -9.62 14.19
C GLY A 195 8.96 -8.45 13.30
N PHE A 196 10.24 -8.40 12.92
CA PHE A 196 10.78 -7.37 12.04
C PHE A 196 11.46 -8.04 10.85
N THR A 197 11.05 -7.68 9.64
CA THR A 197 11.60 -8.29 8.43
C THR A 197 12.33 -7.25 7.65
N LYS A 198 13.29 -7.68 6.85
CA LYS A 198 14.03 -6.74 6.02
C LYS A 198 13.42 -6.75 4.64
N ALA A 199 12.53 -7.70 4.42
CA ALA A 199 11.89 -7.81 3.14
C ALA A 199 10.70 -6.89 3.05
N LEU A 200 10.96 -5.59 2.95
CA LEU A 200 9.86 -4.64 2.80
C LEU A 200 9.50 -4.95 1.37
N GLY A 201 8.21 -4.98 1.05
CA GLY A 201 7.84 -5.40 -0.29
C GLY A 201 6.76 -6.42 0.02
N HIS A 202 7.01 -7.16 1.10
CA HIS A 202 6.05 -8.10 1.64
C HIS A 202 5.35 -8.97 0.63
N GLY A 203 6.08 -9.45 -0.37
CA GLY A 203 5.45 -10.28 -1.36
C GLY A 203 6.42 -10.73 -2.43
N VAL A 204 5.88 -11.02 -3.61
CA VAL A 204 6.72 -11.47 -4.69
C VAL A 204 7.28 -10.26 -5.45
N ASP A 205 8.26 -9.57 -4.86
CA ASP A 205 8.82 -8.44 -5.57
C ASP A 205 10.07 -8.86 -6.32
N LEU A 206 10.29 -10.18 -6.36
CA LEU A 206 11.45 -10.75 -7.00
C LEU A 206 12.73 -10.11 -6.51
N GLY A 207 12.70 -9.71 -5.25
CA GLY A 207 13.82 -9.04 -4.64
C GLY A 207 14.98 -9.89 -4.22
N HIS A 208 14.86 -11.21 -4.36
CA HIS A 208 15.98 -12.06 -3.99
C HIS A 208 16.90 -12.17 -5.19
N ILE A 209 16.50 -11.52 -6.28
CA ILE A 209 17.27 -11.50 -7.51
C ILE A 209 17.89 -10.14 -7.69
N TYR A 210 17.16 -9.09 -7.29
CA TYR A 210 17.66 -7.74 -7.46
C TYR A 210 18.14 -7.07 -6.20
N GLY A 211 18.10 -7.79 -5.09
CA GLY A 211 18.51 -7.20 -3.81
C GLY A 211 17.34 -6.46 -3.20
N ASP A 212 17.33 -6.34 -1.88
CA ASP A 212 16.22 -5.68 -1.19
C ASP A 212 16.37 -4.18 -0.96
N ASN A 213 17.16 -3.51 -1.79
CA ASN A 213 17.37 -2.08 -1.68
C ASN A 213 18.15 -1.55 -2.86
N LEU A 214 17.78 -0.34 -3.26
CA LEU A 214 18.37 0.33 -4.39
C LEU A 214 19.86 0.14 -4.57
N GLU A 215 20.62 0.53 -3.56
CA GLU A 215 22.07 0.40 -3.62
C GLU A 215 22.47 -1.01 -4.07
N ARG A 216 21.99 -2.02 -3.35
CA ARG A 216 22.30 -3.40 -3.66
C ARG A 216 21.91 -3.77 -5.08
N GLN A 217 20.80 -3.22 -5.54
CA GLN A 217 20.33 -3.49 -6.88
C GLN A 217 21.32 -2.91 -7.85
N TYR A 218 21.61 -1.63 -7.70
CA TYR A 218 22.55 -0.93 -8.55
C TYR A 218 23.88 -1.67 -8.63
N GLN A 219 24.30 -2.24 -7.50
CA GLN A 219 25.54 -3.00 -7.41
C GLN A 219 25.54 -4.22 -8.34
N LEU A 220 24.40 -4.88 -8.41
CA LEU A 220 24.23 -6.07 -9.22
C LEU A 220 23.85 -5.77 -10.68
N ARG A 221 23.47 -4.52 -10.96
CA ARG A 221 23.08 -4.16 -12.31
C ARG A 221 24.27 -3.92 -13.22
N LEU A 222 24.12 -4.35 -14.47
CA LEU A 222 25.15 -4.20 -15.47
C LEU A 222 25.18 -2.77 -16.02
N PHE A 223 24.00 -2.15 -16.01
CA PHE A 223 23.81 -0.80 -16.52
C PHE A 223 24.09 -0.67 -17.99
N LYS A 224 23.68 -1.69 -18.72
CA LYS A 224 23.81 -1.79 -20.17
C LYS A 224 22.80 -2.84 -20.62
N ASP A 225 21.93 -2.47 -21.56
CA ASP A 225 20.91 -3.36 -22.12
C ASP A 225 19.90 -3.98 -21.15
N GLY A 226 19.77 -3.38 -19.98
CA GLY A 226 18.85 -3.86 -18.97
C GLY A 226 19.39 -5.08 -18.25
N LYS A 227 20.56 -5.52 -18.68
CA LYS A 227 21.21 -6.68 -18.12
C LYS A 227 21.62 -6.59 -16.65
N LEU A 228 21.93 -7.78 -16.12
CA LEU A 228 22.35 -8.00 -14.76
C LEU A 228 23.80 -8.46 -14.86
N LYS A 229 24.66 -7.89 -14.01
CA LYS A 229 26.07 -8.24 -13.99
C LYS A 229 26.15 -9.75 -13.84
N TYR A 230 27.13 -10.36 -14.48
CA TYR A 230 27.32 -11.80 -14.40
C TYR A 230 28.75 -12.10 -14.81
N GLN A 231 29.09 -13.38 -14.81
CA GLN A 231 30.42 -13.86 -15.19
C GLN A 231 30.35 -15.19 -15.93
N MET A 232 31.45 -15.52 -16.62
CA MET A 232 31.53 -16.76 -17.36
C MET A 232 32.54 -17.71 -16.73
N LEU A 233 32.16 -18.97 -16.60
CA LEU A 233 33.05 -19.98 -16.04
C LEU A 233 32.77 -21.18 -16.92
N ASN A 234 33.83 -21.76 -17.47
CA ASN A 234 33.70 -22.91 -18.36
C ASN A 234 32.76 -22.50 -19.48
N GLY A 235 32.89 -21.24 -19.87
CA GLY A 235 32.06 -20.68 -20.93
C GLY A 235 30.57 -20.79 -20.67
N GLU A 236 30.16 -20.44 -19.45
CA GLU A 236 28.76 -20.49 -19.07
C GLU A 236 28.48 -19.35 -18.11
N VAL A 237 27.25 -18.88 -18.11
CA VAL A 237 26.85 -17.77 -17.27
C VAL A 237 26.51 -18.13 -15.83
N TYR A 238 27.23 -17.52 -14.89
CA TYR A 238 27.00 -17.72 -13.47
C TYR A 238 27.01 -16.35 -12.85
N PRO A 239 26.36 -16.16 -11.70
CA PRO A 239 26.32 -14.86 -11.04
C PRO A 239 27.72 -14.29 -10.94
N PRO A 240 27.86 -12.95 -10.81
CA PRO A 240 29.18 -12.31 -10.72
C PRO A 240 29.86 -12.58 -9.39
N SER A 241 31.12 -12.17 -9.29
CA SER A 241 31.86 -12.38 -8.06
C SER A 241 31.62 -11.20 -7.14
N VAL A 242 31.77 -11.44 -5.85
CA VAL A 242 31.58 -10.42 -4.85
C VAL A 242 32.65 -9.36 -5.10
N GLU A 243 33.67 -9.75 -5.85
CA GLU A 243 34.73 -8.84 -6.20
C GLU A 243 34.20 -7.88 -7.27
N GLU A 244 33.51 -8.45 -8.27
CA GLU A 244 32.96 -7.66 -9.36
C GLU A 244 31.82 -6.79 -8.90
N ALA A 245 30.88 -7.40 -8.19
CA ALA A 245 29.72 -6.72 -7.63
C ALA A 245 29.91 -6.87 -6.13
N PRO A 246 30.57 -5.89 -5.53
CA PRO A 246 30.89 -5.82 -4.10
C PRO A 246 29.69 -5.62 -3.21
N VAL A 247 28.85 -6.64 -3.13
CA VAL A 247 27.66 -6.58 -2.32
C VAL A 247 27.80 -7.53 -1.11
N LEU A 248 27.19 -7.18 0.01
CA LEU A 248 27.28 -8.00 1.22
C LEU A 248 26.70 -9.39 1.02
N MET A 249 27.49 -10.42 1.32
CA MET A 249 27.05 -11.81 1.22
C MET A 249 27.40 -12.54 2.50
N HIS A 250 26.74 -13.67 2.74
CA HIS A 250 27.03 -14.44 3.93
C HIS A 250 27.72 -15.70 3.52
N TYR A 251 29.02 -15.75 3.79
CA TYR A 251 29.88 -16.90 3.51
C TYR A 251 30.73 -17.00 4.75
N PRO A 252 31.20 -18.21 5.09
CA PRO A 252 32.03 -18.30 6.29
C PRO A 252 33.35 -17.54 6.11
N ARG A 253 33.86 -16.98 7.21
CA ARG A 253 35.11 -16.23 7.22
C ARG A 253 36.15 -17.10 6.56
N GLY A 254 36.98 -16.49 5.72
CA GLY A 254 38.02 -17.27 5.08
C GLY A 254 37.76 -17.51 3.63
N ILE A 255 36.49 -17.55 3.23
CA ILE A 255 36.19 -17.74 1.82
C ILE A 255 36.44 -16.37 1.22
N PRO A 256 37.26 -16.30 0.15
CA PRO A 256 37.60 -15.05 -0.53
C PRO A 256 36.51 -14.50 -1.41
N PRO A 257 36.51 -13.17 -1.61
CA PRO A 257 35.51 -12.49 -2.44
C PRO A 257 35.54 -13.05 -3.84
N GLN A 258 36.71 -13.45 -4.29
CA GLN A 258 36.85 -14.02 -5.61
C GLN A 258 36.30 -15.43 -5.69
N SER A 259 35.72 -15.91 -4.60
CA SER A 259 35.13 -17.24 -4.59
C SER A 259 33.68 -17.19 -4.15
N GLN A 260 33.18 -15.97 -4.00
CA GLN A 260 31.81 -15.77 -3.55
C GLN A 260 30.93 -15.14 -4.65
N MET A 261 29.70 -15.63 -4.77
CA MET A 261 28.79 -15.09 -5.76
C MET A 261 27.84 -14.08 -5.17
N ALA A 262 27.79 -12.92 -5.82
CA ALA A 262 26.92 -11.81 -5.42
C ALA A 262 25.58 -12.08 -6.06
N VAL A 263 24.50 -12.08 -5.28
CA VAL A 263 23.19 -12.38 -5.84
C VAL A 263 21.98 -11.53 -5.49
N GLY A 264 21.81 -11.12 -4.23
CA GLY A 264 20.63 -10.33 -3.95
C GLY A 264 20.08 -10.72 -2.61
N GLN A 265 20.07 -12.03 -2.39
CA GLN A 265 19.65 -12.62 -1.12
C GLN A 265 20.95 -13.08 -0.45
N GLU A 266 21.49 -12.21 0.40
CA GLU A 266 22.74 -12.43 1.12
C GLU A 266 23.01 -13.87 1.58
N VAL A 267 21.96 -14.54 2.02
CA VAL A 267 22.09 -15.89 2.52
C VAL A 267 22.20 -17.00 1.49
N PHE A 268 21.69 -16.76 0.28
CA PHE A 268 21.70 -17.77 -0.77
C PHE A 268 23.01 -18.46 -1.12
N GLY A 269 24.12 -18.02 -0.52
CA GLY A 269 25.40 -18.64 -0.84
C GLY A 269 25.70 -19.94 -0.14
N LEU A 270 24.93 -20.23 0.89
CA LEU A 270 25.19 -21.41 1.69
C LEU A 270 24.34 -22.61 1.32
N LEU A 271 24.39 -22.99 0.04
CA LEU A 271 23.64 -24.14 -0.47
C LEU A 271 23.46 -24.07 -1.98
N PRO A 272 24.12 -24.96 -2.72
CA PRO A 272 24.05 -25.01 -4.18
C PRO A 272 22.62 -24.89 -4.71
N GLY A 273 21.70 -25.66 -4.11
CA GLY A 273 20.30 -25.59 -4.53
C GLY A 273 19.81 -24.17 -4.74
N LEU A 274 20.19 -23.27 -3.83
CA LEU A 274 19.79 -21.88 -3.93
C LEU A 274 20.54 -21.19 -5.07
N MET A 275 21.85 -21.17 -4.99
CA MET A 275 22.66 -20.53 -6.03
C MET A 275 22.31 -21.08 -7.44
N LEU A 276 21.74 -22.29 -7.47
CA LEU A 276 21.35 -22.94 -8.73
C LEU A 276 20.18 -22.13 -9.28
N TYR A 277 19.12 -22.03 -8.48
CA TYR A 277 17.94 -21.29 -8.87
C TYR A 277 18.30 -19.83 -9.09
N ALA A 278 19.31 -19.33 -8.37
CA ALA A 278 19.69 -17.94 -8.54
C ALA A 278 20.38 -17.75 -9.89
N THR A 279 21.03 -18.81 -10.39
CA THR A 279 21.70 -18.72 -11.66
C THR A 279 20.65 -18.77 -12.78
N ILE A 280 19.68 -19.68 -12.67
CA ILE A 280 18.63 -19.79 -13.69
C ILE A 280 17.90 -18.47 -13.86
N TRP A 281 17.39 -17.90 -12.77
CA TRP A 281 16.67 -16.63 -12.84
C TRP A 281 17.53 -15.51 -13.41
N LEU A 282 18.81 -15.45 -13.07
CA LEU A 282 19.65 -14.39 -13.61
C LEU A 282 19.72 -14.56 -15.11
N ARG A 283 20.08 -15.76 -15.55
CA ARG A 283 20.17 -16.04 -16.97
C ARG A 283 18.88 -15.62 -17.64
N GLU A 284 17.75 -16.00 -17.04
CA GLU A 284 16.46 -15.63 -17.60
C GLU A 284 16.27 -14.12 -17.75
N HIS A 285 16.67 -13.37 -16.74
CA HIS A 285 16.55 -11.90 -16.77
C HIS A 285 17.30 -11.31 -17.95
N ASN A 286 18.58 -11.64 -18.09
CA ASN A 286 19.36 -11.11 -19.18
C ASN A 286 18.77 -11.52 -20.52
N ARG A 287 18.17 -12.69 -20.57
CA ARG A 287 17.56 -13.18 -21.81
C ARG A 287 16.35 -12.32 -22.22
N VAL A 288 15.46 -12.06 -21.27
CA VAL A 288 14.29 -11.24 -21.54
C VAL A 288 14.76 -9.86 -21.97
N CYS A 289 15.90 -9.42 -21.44
CA CYS A 289 16.45 -8.14 -21.82
C CYS A 289 16.77 -8.10 -23.29
N ASP A 290 17.33 -9.19 -23.81
CA ASP A 290 17.66 -9.21 -25.22
C ASP A 290 16.43 -9.13 -26.09
N LEU A 291 15.36 -9.83 -25.69
CA LEU A 291 14.12 -9.79 -26.47
C LEU A 291 13.60 -8.35 -26.52
N LEU A 292 13.45 -7.76 -25.34
CA LEU A 292 12.93 -6.42 -25.23
C LEU A 292 13.67 -5.42 -26.10
N LYS A 293 14.99 -5.51 -26.12
CA LYS A 293 15.79 -4.57 -26.91
C LYS A 293 15.50 -4.70 -28.40
N ALA A 294 15.35 -5.93 -28.85
CA ALA A 294 15.07 -6.18 -30.25
C ALA A 294 13.83 -5.41 -30.63
N GLU A 295 12.81 -5.58 -29.82
CA GLU A 295 11.52 -4.96 -30.02
C GLU A 295 11.63 -3.45 -29.77
N HIS A 296 12.44 -3.03 -28.82
CA HIS A 296 12.52 -1.61 -28.51
C HIS A 296 13.94 -1.09 -28.51
N PRO A 297 14.46 -0.79 -29.69
CA PRO A 297 15.82 -0.28 -29.83
C PRO A 297 15.98 1.02 -29.10
N THR A 298 14.91 1.80 -29.14
CA THR A 298 14.83 3.11 -28.52
C THR A 298 14.89 3.12 -27.00
N TRP A 299 14.63 1.97 -26.39
CA TRP A 299 14.65 1.88 -24.94
C TRP A 299 16.04 1.96 -24.35
N GLY A 300 16.07 2.48 -23.13
CA GLY A 300 17.31 2.61 -22.39
C GLY A 300 17.48 1.53 -21.35
N ASP A 301 18.56 1.61 -20.57
CA ASP A 301 18.82 0.60 -19.55
C ASP A 301 17.66 0.48 -18.59
N GLU A 302 17.51 1.48 -17.72
CA GLU A 302 16.46 1.46 -16.73
C GLU A 302 15.14 0.89 -17.24
N GLN A 303 14.62 1.43 -18.35
CA GLN A 303 13.34 0.89 -18.84
C GLN A 303 13.41 -0.60 -19.15
N LEU A 304 14.44 -1.01 -19.88
CA LEU A 304 14.58 -2.42 -20.20
C LEU A 304 14.60 -3.18 -18.87
N PHE A 305 15.44 -2.74 -17.95
CA PHE A 305 15.56 -3.38 -16.63
C PHE A 305 14.23 -3.49 -15.90
N GLN A 306 13.63 -2.33 -15.67
CA GLN A 306 12.36 -2.25 -15.01
C GLN A 306 11.33 -3.15 -15.67
N THR A 307 11.33 -3.17 -17.00
CA THR A 307 10.39 -4.01 -17.73
C THR A 307 10.69 -5.49 -17.52
N ALA A 308 11.97 -5.85 -17.58
CA ALA A 308 12.39 -7.24 -17.43
C ALA A 308 11.96 -7.80 -16.08
N ARG A 309 12.13 -7.00 -15.04
CA ARG A 309 11.75 -7.40 -13.69
C ARG A 309 10.25 -7.65 -13.59
N LEU A 310 9.48 -6.83 -14.30
CA LEU A 310 8.03 -7.00 -14.32
C LEU A 310 7.66 -8.27 -15.05
N ILE A 311 8.39 -8.60 -16.10
CA ILE A 311 8.08 -9.81 -16.84
C ILE A 311 8.39 -11.02 -15.98
N LEU A 312 9.52 -10.99 -15.28
CA LEU A 312 9.89 -12.10 -14.42
C LEU A 312 8.90 -12.27 -13.28
N ILE A 313 8.45 -11.17 -12.67
CA ILE A 313 7.47 -11.26 -11.58
C ILE A 313 6.24 -12.00 -12.11
N GLY A 314 5.84 -11.69 -13.34
CA GLY A 314 4.71 -12.38 -13.94
C GLY A 314 5.07 -13.84 -14.03
N GLU A 315 6.20 -14.15 -14.68
CA GLU A 315 6.63 -15.54 -14.83
C GLU A 315 6.56 -16.28 -13.51
N THR A 316 7.15 -15.69 -12.47
CA THR A 316 7.16 -16.29 -11.14
C THR A 316 5.78 -16.62 -10.62
N ILE A 317 4.88 -15.63 -10.59
CA ILE A 317 3.54 -15.88 -10.09
C ILE A 317 2.89 -17.02 -10.85
N LYS A 318 3.12 -17.08 -12.17
CA LYS A 318 2.54 -18.13 -13.01
C LYS A 318 2.98 -19.53 -12.60
N ILE A 319 4.30 -19.74 -12.65
CA ILE A 319 4.88 -21.01 -12.30
C ILE A 319 4.54 -21.39 -10.89
N VAL A 320 4.46 -20.41 -9.99
CA VAL A 320 4.11 -20.74 -8.63
C VAL A 320 2.70 -21.33 -8.50
N ILE A 321 1.74 -20.75 -9.22
CA ILE A 321 0.33 -21.19 -9.21
C ILE A 321 0.03 -22.46 -10.01
N GLU A 322 0.31 -22.40 -11.30
CA GLU A 322 0.01 -23.53 -12.17
C GLU A 322 0.86 -24.80 -12.05
N GLU A 323 2.05 -24.68 -11.47
CA GLU A 323 2.92 -25.85 -11.31
C GLU A 323 3.24 -26.15 -9.84
N TYR A 324 3.91 -25.22 -9.19
CA TYR A 324 4.29 -25.35 -7.79
C TYR A 324 3.07 -25.60 -6.89
N VAL A 325 2.06 -24.76 -6.97
CA VAL A 325 0.89 -24.97 -6.12
C VAL A 325 0.08 -26.16 -6.59
N GLN A 326 0.09 -26.40 -7.90
CA GLN A 326 -0.64 -27.55 -8.46
C GLN A 326 -0.10 -28.84 -7.85
N GLN A 327 1.22 -28.88 -7.67
CA GLN A 327 1.91 -30.04 -7.11
C GLN A 327 1.68 -30.24 -5.62
N LEU A 328 1.88 -29.18 -4.86
CA LEU A 328 1.71 -29.23 -3.43
C LEU A 328 0.28 -29.63 -3.05
N SER A 329 -0.69 -29.19 -3.83
CA SER A 329 -2.10 -29.48 -3.53
C SER A 329 -2.51 -30.89 -3.83
N GLY A 330 -2.10 -31.36 -5.00
CA GLY A 330 -2.43 -32.70 -5.44
C GLY A 330 -3.81 -32.77 -6.04
N TYR A 331 -4.40 -31.61 -6.28
CA TYR A 331 -5.73 -31.51 -6.85
C TYR A 331 -5.76 -31.94 -8.31
N PHE A 332 -6.93 -32.37 -8.78
CA PHE A 332 -7.12 -32.77 -10.16
C PHE A 332 -7.58 -31.59 -11.00
N LEU A 333 -8.13 -30.59 -10.31
CA LEU A 333 -8.60 -29.37 -10.93
C LEU A 333 -7.36 -28.65 -11.43
N GLN A 334 -7.31 -28.34 -12.71
CA GLN A 334 -6.14 -27.64 -13.25
C GLN A 334 -6.19 -26.17 -12.80
N LEU A 335 -5.36 -25.81 -11.84
CA LEU A 335 -5.31 -24.45 -11.33
C LEU A 335 -4.96 -23.51 -12.47
N LYS A 336 -5.32 -22.23 -12.35
CA LYS A 336 -5.07 -21.26 -13.41
C LYS A 336 -4.71 -19.85 -12.96
N PHE A 337 -3.71 -19.25 -13.60
CA PHE A 337 -3.29 -17.88 -13.28
C PHE A 337 -3.84 -16.94 -14.33
N ASP A 338 -4.89 -16.22 -13.97
CA ASP A 338 -5.53 -15.27 -14.85
C ASP A 338 -6.03 -14.20 -13.94
N PRO A 339 -5.27 -13.10 -13.81
CA PRO A 339 -5.58 -11.94 -12.98
C PRO A 339 -6.98 -11.42 -13.19
N GLU A 340 -7.52 -11.68 -14.38
CA GLU A 340 -8.84 -11.21 -14.72
C GLU A 340 -9.99 -11.90 -13.99
N LEU A 341 -9.78 -13.10 -13.45
CA LEU A 341 -10.85 -13.79 -12.73
C LEU A 341 -11.29 -12.96 -11.52
N LEU A 342 -10.41 -12.07 -11.08
CA LEU A 342 -10.70 -11.24 -9.94
C LEU A 342 -11.24 -9.86 -10.30
N PHE A 343 -11.09 -9.45 -11.57
CA PHE A 343 -11.54 -8.11 -12.02
C PHE A 343 -13.02 -7.85 -11.70
N GLY A 344 -13.74 -8.92 -11.36
CA GLY A 344 -15.13 -8.75 -10.98
C GLY A 344 -15.21 -8.62 -9.47
N ALA A 345 -14.35 -9.38 -8.79
CA ALA A 345 -14.31 -9.41 -7.33
C ALA A 345 -13.95 -8.13 -6.67
N GLN A 346 -14.26 -8.07 -5.38
CA GLN A 346 -13.89 -6.93 -4.55
C GLN A 346 -12.63 -7.51 -3.97
N PHE A 347 -11.48 -7.07 -4.46
CA PHE A 347 -10.20 -7.62 -4.01
C PHE A 347 -9.25 -6.46 -3.87
N GLN A 348 -8.49 -6.41 -2.78
CA GLN A 348 -7.53 -5.32 -2.57
C GLN A 348 -6.19 -5.83 -3.02
N TYR A 349 -5.59 -5.11 -3.96
CA TYR A 349 -4.31 -5.50 -4.48
C TYR A 349 -3.21 -5.01 -3.55
N ARG A 350 -3.04 -5.71 -2.43
CA ARG A 350 -2.03 -5.36 -1.43
C ARG A 350 -1.80 -6.56 -0.50
N ASN A 351 -0.52 -6.79 -0.13
CA ASN A 351 -0.11 -7.88 0.75
C ASN A 351 0.88 -7.45 1.85
N ARG A 352 0.91 -8.20 2.95
CA ARG A 352 1.79 -7.92 4.09
C ARG A 352 2.14 -9.25 4.83
N ILE A 353 3.41 -9.64 4.80
CA ILE A 353 3.85 -10.91 5.39
C ILE A 353 3.59 -11.08 6.88
N ALA A 354 2.76 -12.08 7.18
CA ALA A 354 2.37 -12.38 8.54
C ALA A 354 3.33 -13.32 9.25
N MET A 355 3.59 -13.08 10.53
CA MET A 355 4.50 -13.94 11.26
C MET A 355 3.98 -15.39 11.26
N GLU A 356 2.65 -15.56 11.28
CA GLU A 356 2.06 -16.90 11.28
C GLU A 356 2.41 -17.66 10.02
N PHE A 357 2.33 -16.96 8.90
CA PHE A 357 2.62 -17.54 7.60
C PHE A 357 4.10 -17.96 7.50
N ASN A 358 4.98 -17.23 8.17
CA ASN A 358 6.40 -17.57 8.14
C ASN A 358 6.63 -18.89 8.86
N GLN A 359 6.04 -19.06 10.03
CA GLN A 359 6.21 -20.31 10.78
C GLN A 359 5.70 -21.45 9.91
N LEU A 360 4.43 -21.35 9.60
CA LEU A 360 3.71 -22.29 8.77
C LEU A 360 4.38 -22.65 7.44
N TYR A 361 5.44 -21.95 7.06
CA TYR A 361 6.17 -22.23 5.83
C TYR A 361 7.60 -22.66 6.18
N HIS A 362 7.79 -23.25 7.37
CA HIS A 362 9.10 -23.75 7.82
C HIS A 362 9.23 -25.24 7.49
N TRP A 363 9.04 -25.54 6.22
CA TRP A 363 9.07 -26.89 5.65
C TRP A 363 10.38 -27.68 5.70
N HIS A 364 11.20 -27.47 6.72
CA HIS A 364 12.48 -28.17 6.84
C HIS A 364 12.45 -29.68 6.66
N PRO A 365 11.31 -30.32 6.96
CA PRO A 365 11.20 -31.77 6.80
C PRO A 365 11.48 -32.22 5.36
N LEU A 366 11.38 -31.32 4.41
CA LEU A 366 11.61 -31.69 3.02
C LEU A 366 13.03 -32.17 2.77
N MET A 367 14.02 -31.57 3.43
CA MET A 367 15.41 -31.94 3.23
C MET A 367 15.70 -33.40 3.56
N PRO A 368 16.30 -34.10 2.60
CA PRO A 368 16.67 -35.52 2.67
C PRO A 368 17.78 -35.79 3.67
N ASP A 369 18.22 -37.04 3.68
CA ASP A 369 19.28 -37.47 4.58
C ASP A 369 20.63 -37.13 3.98
N SER A 370 20.76 -37.40 2.68
CA SER A 370 21.99 -37.15 1.92
C SER A 370 21.63 -36.54 0.58
N PHE A 371 22.57 -35.86 -0.05
CA PHE A 371 22.29 -35.23 -1.33
C PHE A 371 22.96 -35.96 -2.46
N ARG A 372 22.18 -36.72 -3.22
CA ARG A 372 22.75 -37.49 -4.32
C ARG A 372 22.77 -36.75 -5.64
N VAL A 373 23.96 -36.68 -6.22
CA VAL A 373 24.17 -36.03 -7.51
C VAL A 373 24.79 -37.07 -8.44
N GLY A 374 23.92 -37.96 -8.93
CA GLY A 374 24.35 -39.02 -9.83
C GLY A 374 24.81 -40.21 -9.02
N PRO A 375 25.89 -40.88 -9.42
CA PRO A 375 26.38 -42.04 -8.65
C PRO A 375 26.96 -41.54 -7.33
N GLN A 376 27.38 -40.27 -7.36
CA GLN A 376 27.96 -39.59 -6.23
C GLN A 376 26.89 -39.16 -5.23
N ASP A 377 27.12 -39.42 -3.95
CA ASP A 377 26.15 -39.04 -2.93
C ASP A 377 26.85 -38.19 -1.88
N TYR A 378 26.52 -36.90 -1.85
CA TYR A 378 27.14 -35.97 -0.92
C TYR A 378 26.43 -35.83 0.40
N SER A 379 27.21 -35.51 1.42
CA SER A 379 26.71 -35.34 2.77
C SER A 379 26.37 -33.88 3.02
N TYR A 380 25.63 -33.63 4.10
CA TYR A 380 25.29 -32.26 4.44
C TYR A 380 26.57 -31.48 4.56
N GLU A 381 27.55 -32.07 5.22
CA GLU A 381 28.84 -31.41 5.41
C GLU A 381 29.65 -31.23 4.12
N GLN A 382 29.17 -31.80 3.01
CA GLN A 382 29.87 -31.63 1.74
C GLN A 382 29.03 -30.69 0.89
N PHE A 383 27.74 -30.63 1.18
CA PHE A 383 26.78 -29.79 0.46
C PHE A 383 26.68 -28.37 0.98
N LEU A 384 26.30 -28.23 2.25
CA LEU A 384 26.07 -26.95 2.90
C LEU A 384 26.83 -25.68 2.55
N PHE A 385 28.12 -25.71 2.32
CA PHE A 385 28.74 -24.44 1.95
C PHE A 385 29.63 -24.59 0.74
N ASN A 386 29.40 -25.66 0.00
CA ASN A 386 30.18 -26.00 -1.18
C ASN A 386 30.15 -24.93 -2.25
N THR A 387 31.26 -24.21 -2.39
CA THR A 387 31.36 -23.13 -3.37
C THR A 387 31.70 -23.62 -4.78
N SER A 388 31.89 -24.93 -4.95
CA SER A 388 32.25 -25.44 -6.26
C SER A 388 31.20 -26.26 -6.99
N MET A 389 30.43 -27.06 -6.24
CA MET A 389 29.42 -27.93 -6.84
C MET A 389 28.64 -27.39 -8.03
N LEU A 390 28.24 -26.13 -7.95
CA LEU A 390 27.49 -25.52 -9.04
C LEU A 390 28.29 -25.37 -10.32
N VAL A 391 29.46 -24.75 -10.24
CA VAL A 391 30.29 -24.55 -11.43
C VAL A 391 30.82 -25.88 -11.94
N ASP A 392 31.06 -26.78 -10.99
CA ASP A 392 31.58 -28.10 -11.31
C ASP A 392 30.58 -28.89 -12.10
N TYR A 393 29.45 -29.20 -11.48
CA TYR A 393 28.40 -29.96 -12.14
C TYR A 393 27.64 -29.19 -13.21
N GLY A 394 27.40 -27.90 -12.97
CA GLY A 394 26.66 -27.09 -13.92
C GLY A 394 25.15 -27.25 -13.75
N VAL A 395 24.42 -26.22 -14.20
CA VAL A 395 22.95 -26.17 -14.09
C VAL A 395 22.21 -27.44 -14.46
N GLU A 396 22.31 -27.83 -15.73
CA GLU A 396 21.61 -29.01 -16.25
C GLU A 396 21.71 -30.26 -15.36
N ALA A 397 22.94 -30.64 -15.01
CA ALA A 397 23.21 -31.82 -14.17
C ALA A 397 22.51 -31.72 -12.83
N LEU A 398 22.78 -30.65 -12.11
CA LEU A 398 22.17 -30.46 -10.80
C LEU A 398 20.65 -30.51 -10.88
N VAL A 399 20.09 -29.91 -11.92
CA VAL A 399 18.64 -29.92 -12.07
C VAL A 399 18.14 -31.36 -12.18
N ASP A 400 18.76 -32.12 -13.08
CA ASP A 400 18.37 -33.49 -13.29
C ASP A 400 18.35 -34.30 -12.00
N ALA A 401 19.40 -34.13 -11.20
CA ALA A 401 19.53 -34.83 -9.92
C ALA A 401 18.45 -34.41 -8.95
N PHE A 402 18.36 -33.11 -8.69
CA PHE A 402 17.34 -32.60 -7.78
C PHE A 402 15.95 -33.01 -8.24
N SER A 403 15.76 -33.08 -9.55
CA SER A 403 14.47 -33.44 -10.11
C SER A 403 14.16 -34.89 -9.91
N ARG A 404 15.18 -35.66 -9.56
CA ARG A 404 14.98 -37.08 -9.34
C ARG A 404 14.95 -37.46 -7.86
N GLN A 405 15.69 -36.75 -7.02
CA GLN A 405 15.69 -37.11 -5.61
C GLN A 405 14.39 -36.67 -4.95
N PRO A 406 13.71 -37.59 -4.27
CA PRO A 406 12.46 -37.21 -3.62
C PRO A 406 12.73 -36.60 -2.26
N ALA A 407 11.92 -35.62 -1.91
CA ALA A 407 12.03 -34.93 -0.63
C ALA A 407 11.15 -35.65 0.39
N GLY A 408 11.27 -35.25 1.64
CA GLY A 408 10.51 -35.88 2.70
C GLY A 408 9.09 -35.40 2.89
N ARG A 409 8.33 -36.16 3.66
CA ARG A 409 6.94 -35.81 3.95
C ARG A 409 7.06 -34.65 4.93
N ILE A 410 6.22 -33.64 4.75
CA ILE A 410 6.26 -32.48 5.62
C ILE A 410 5.54 -32.70 6.93
N GLY A 411 4.29 -33.15 6.86
CA GLY A 411 3.52 -33.37 8.07
C GLY A 411 3.71 -34.78 8.61
N GLY A 412 3.04 -35.08 9.71
CA GLY A 412 3.14 -36.43 10.26
C GLY A 412 4.00 -36.62 11.50
N GLY A 413 5.13 -35.93 11.57
CA GLY A 413 6.01 -36.06 12.73
C GLY A 413 7.27 -36.84 12.47
N ARG A 414 8.27 -36.56 13.29
CA ARG A 414 9.59 -37.19 13.28
C ARG A 414 10.23 -37.39 11.92
N ASN A 415 10.34 -36.30 11.14
CA ASN A 415 10.96 -36.40 9.82
C ASN A 415 11.84 -35.21 9.43
N ILE A 416 12.44 -34.57 10.45
CA ILE A 416 13.33 -33.42 10.21
C ILE A 416 14.76 -33.88 10.45
N ASP A 417 15.57 -33.95 9.39
CA ASP A 417 16.98 -34.40 9.53
C ASP A 417 17.74 -33.64 10.63
N HIS A 418 18.40 -34.40 11.51
CA HIS A 418 19.11 -33.80 12.64
C HIS A 418 20.05 -32.64 12.33
N HIS A 419 20.56 -32.57 11.11
CA HIS A 419 21.46 -31.46 10.75
C HIS A 419 20.78 -30.10 10.88
N ILE A 420 19.46 -30.06 10.73
CA ILE A 420 18.75 -28.82 10.82
C ILE A 420 17.66 -28.82 11.86
N LEU A 421 17.68 -29.82 12.73
CA LEU A 421 16.67 -29.92 13.78
C LEU A 421 16.72 -28.65 14.67
N HIS A 422 17.89 -28.03 14.74
CA HIS A 422 18.02 -26.83 15.55
C HIS A 422 17.07 -25.74 15.12
N VAL A 423 16.87 -25.63 13.83
CA VAL A 423 16.01 -24.61 13.30
C VAL A 423 14.63 -24.71 13.95
N ALA A 424 14.04 -25.90 13.92
CA ALA A 424 12.71 -26.08 14.50
C ALA A 424 12.69 -25.78 15.99
N VAL A 425 13.81 -26.01 16.66
CA VAL A 425 13.86 -25.72 18.08
C VAL A 425 13.70 -24.22 18.24
N ASP A 426 14.41 -23.48 17.39
CA ASP A 426 14.38 -22.03 17.38
C ASP A 426 12.99 -21.51 17.04
N VAL A 427 12.35 -22.07 16.00
CA VAL A 427 11.02 -21.63 15.59
C VAL A 427 10.04 -21.65 16.74
N ILE A 428 10.11 -22.71 17.55
CA ILE A 428 9.24 -22.84 18.69
C ILE A 428 9.51 -21.71 19.67
N LYS A 429 10.78 -21.51 20.01
CA LYS A 429 11.13 -20.44 20.93
C LYS A 429 10.64 -19.08 20.44
N GLU A 430 10.93 -18.78 19.19
CA GLU A 430 10.55 -17.53 18.56
C GLU A 430 9.07 -17.30 18.59
N SER A 431 8.32 -18.39 18.47
CA SER A 431 6.87 -18.28 18.47
C SER A 431 6.44 -17.81 19.84
N ARG A 432 7.17 -18.26 20.84
CA ARG A 432 6.86 -17.88 22.20
C ARG A 432 7.18 -16.41 22.46
N VAL A 433 8.25 -15.92 21.85
CA VAL A 433 8.62 -14.52 22.01
C VAL A 433 7.53 -13.69 21.35
N LEU A 434 7.04 -14.17 20.23
CA LEU A 434 5.98 -13.49 19.51
C LEU A 434 4.68 -13.64 20.27
N ARG A 435 4.64 -14.57 21.22
CA ARG A 435 3.42 -14.78 21.99
C ARG A 435 2.23 -15.23 21.14
N LEU A 436 2.49 -16.02 20.10
CA LEU A 436 1.43 -16.53 19.20
C LEU A 436 0.37 -17.23 20.04
N GLN A 437 -0.89 -17.18 19.59
CA GLN A 437 -1.97 -17.85 20.31
C GLN A 437 -1.88 -19.38 20.12
N PRO A 438 -2.75 -20.15 20.78
CA PRO A 438 -2.79 -21.61 20.69
C PRO A 438 -3.26 -22.12 19.34
N PHE A 439 -2.76 -23.31 18.98
CA PHE A 439 -3.08 -23.94 17.71
C PHE A 439 -4.58 -23.98 17.59
N ASN A 440 -5.24 -24.55 18.58
CA ASN A 440 -6.70 -24.65 18.52
C ASN A 440 -7.45 -23.37 18.18
N GLU A 441 -6.91 -22.22 18.57
CA GLU A 441 -7.52 -20.93 18.28
C GLU A 441 -7.39 -20.66 16.81
N TYR A 442 -6.16 -20.80 16.30
CA TYR A 442 -5.92 -20.58 14.87
C TYR A 442 -6.82 -21.50 14.08
N ARG A 443 -7.01 -22.74 14.54
CA ARG A 443 -7.89 -23.70 13.86
C ARG A 443 -9.24 -23.03 13.61
N LYS A 444 -9.81 -22.49 14.68
CA LYS A 444 -11.10 -21.86 14.60
C LYS A 444 -11.04 -20.72 13.64
N ARG A 445 -10.10 -19.83 13.90
CA ARG A 445 -9.93 -18.63 13.12
C ARG A 445 -9.87 -18.84 11.61
N PHE A 446 -9.18 -19.90 11.19
CA PHE A 446 -9.07 -20.17 9.78
C PHE A 446 -10.19 -21.06 9.28
N GLY A 447 -11.30 -21.00 9.99
CA GLY A 447 -12.49 -21.74 9.62
C GLY A 447 -12.63 -23.20 10.00
N MET A 448 -11.91 -23.64 11.01
CA MET A 448 -12.00 -25.03 11.39
C MET A 448 -12.49 -25.25 12.80
N LYS A 449 -12.83 -26.49 13.11
CA LYS A 449 -13.28 -26.86 14.44
C LYS A 449 -12.02 -27.09 15.23
N PRO A 450 -12.07 -26.82 16.53
CA PRO A 450 -10.86 -27.03 17.33
C PRO A 450 -10.82 -28.49 17.75
N TYR A 451 -9.61 -29.04 17.87
CA TYR A 451 -9.43 -30.43 18.28
C TYR A 451 -9.87 -30.62 19.72
N THR A 452 -10.51 -31.76 19.97
CA THR A 452 -11.00 -32.10 21.30
C THR A 452 -10.02 -32.91 22.13
N SER A 453 -9.05 -33.53 21.48
CA SER A 453 -8.07 -34.34 22.19
C SER A 453 -6.78 -34.43 21.41
N PHE A 454 -5.74 -34.92 22.08
CA PHE A 454 -4.45 -35.06 21.41
C PHE A 454 -4.49 -36.23 20.46
N GLN A 455 -5.30 -37.23 20.82
CA GLN A 455 -5.43 -38.42 20.01
C GLN A 455 -6.26 -38.15 18.77
N GLU A 456 -6.91 -36.99 18.73
CA GLU A 456 -7.72 -36.62 17.57
C GLU A 456 -6.80 -35.92 16.61
N LEU A 457 -5.89 -35.14 17.17
CA LEU A 457 -4.91 -34.38 16.40
C LEU A 457 -4.02 -35.37 15.67
N THR A 458 -3.17 -36.08 16.41
CA THR A 458 -2.30 -37.09 15.79
C THR A 458 -3.29 -38.20 15.53
N GLY A 459 -3.04 -39.04 14.54
CA GLY A 459 -4.00 -40.11 14.31
C GLY A 459 -3.76 -41.33 15.19
N GLU A 460 -3.17 -41.13 16.37
CA GLU A 460 -2.82 -42.27 17.21
C GLU A 460 -2.91 -42.07 18.72
N LYS A 461 -2.44 -43.08 19.46
CA LYS A 461 -2.50 -43.04 20.91
C LYS A 461 -1.20 -42.84 21.63
N GLU A 462 -0.09 -43.17 20.98
CA GLU A 462 1.23 -43.05 21.61
C GLU A 462 1.67 -41.61 21.82
N MET A 463 2.02 -40.91 20.74
CA MET A 463 2.43 -39.50 20.82
C MET A 463 1.37 -38.66 21.51
N ALA A 464 0.11 -38.89 21.15
CA ALA A 464 -1.03 -38.18 21.71
C ALA A 464 -0.94 -38.18 23.24
N ALA A 465 -0.63 -39.34 23.80
CA ALA A 465 -0.52 -39.47 25.23
C ALA A 465 0.57 -38.59 25.81
N GLU A 466 1.76 -38.62 25.22
CA GLU A 466 2.86 -37.82 25.73
C GLU A 466 2.59 -36.33 25.60
N LEU A 467 2.10 -35.94 24.43
CA LEU A 467 1.80 -34.53 24.19
C LEU A 467 0.82 -34.06 25.24
N GLU A 468 -0.07 -34.96 25.63
CA GLU A 468 -1.06 -34.66 26.64
C GLU A 468 -0.39 -34.43 27.98
N GLU A 469 0.50 -35.32 28.36
CA GLU A 469 1.17 -35.15 29.65
C GLU A 469 2.10 -33.96 29.62
N LEU A 470 2.60 -33.61 28.44
CA LEU A 470 3.51 -32.46 28.31
C LEU A 470 2.79 -31.12 28.31
N TYR A 471 1.79 -30.99 27.46
CA TYR A 471 1.03 -29.76 27.34
C TYR A 471 -0.07 -29.62 28.38
N GLY A 472 -0.74 -30.72 28.69
CA GLY A 472 -1.81 -30.70 29.66
C GLY A 472 -3.17 -30.49 29.04
N ASP A 473 -3.25 -29.63 28.03
CA ASP A 473 -4.53 -29.37 27.39
C ASP A 473 -4.36 -29.21 25.89
N ILE A 474 -5.30 -29.74 25.11
CA ILE A 474 -5.16 -29.61 23.66
C ILE A 474 -5.28 -28.13 23.32
N ASP A 475 -6.05 -27.43 24.14
CA ASP A 475 -6.22 -26.02 23.94
C ASP A 475 -4.99 -25.27 24.42
N ALA A 476 -3.91 -26.00 24.63
CA ALA A 476 -2.65 -25.40 25.03
C ALA A 476 -1.60 -25.75 24.00
N LEU A 477 -1.88 -26.73 23.14
CA LEU A 477 -0.95 -27.14 22.11
C LEU A 477 -0.63 -25.92 21.26
N GLU A 478 0.65 -25.65 21.09
CA GLU A 478 1.13 -24.50 20.32
C GLU A 478 0.94 -24.62 18.81
N PHE A 479 1.23 -23.55 18.12
CA PHE A 479 1.09 -23.45 16.68
C PHE A 479 1.93 -24.40 15.86
N TYR A 480 3.23 -24.16 15.79
CA TYR A 480 4.12 -25.01 14.98
C TYR A 480 4.09 -26.51 15.30
N PRO A 481 4.15 -26.88 16.60
CA PRO A 481 4.12 -28.30 16.97
C PRO A 481 2.81 -28.92 16.56
N GLY A 482 1.71 -28.19 16.75
CA GLY A 482 0.41 -28.69 16.36
C GLY A 482 0.41 -28.84 14.85
N LEU A 483 0.92 -27.85 14.13
CA LEU A 483 0.98 -27.88 12.67
C LEU A 483 1.68 -29.12 12.09
N LEU A 484 2.88 -29.41 12.63
CA LEU A 484 3.67 -30.54 12.18
C LEU A 484 3.24 -31.91 12.68
N LEU A 485 2.69 -31.98 13.89
CA LEU A 485 2.26 -33.26 14.46
C LEU A 485 0.85 -33.71 14.05
N GLU A 486 -0.01 -32.77 13.66
CA GLU A 486 -1.38 -33.11 13.22
C GLU A 486 -1.30 -34.15 12.13
N LYS A 487 -2.19 -35.14 12.22
CA LYS A 487 -2.25 -36.26 11.29
C LYS A 487 -2.41 -35.84 9.84
N CYS A 488 -1.61 -36.46 8.99
CA CYS A 488 -1.63 -36.19 7.56
C CYS A 488 -2.84 -36.69 6.77
N HIS A 489 -3.17 -35.94 5.72
CA HIS A 489 -4.27 -36.32 4.84
C HIS A 489 -3.80 -37.62 4.17
N PRO A 490 -4.73 -38.52 3.84
CA PRO A 490 -4.51 -39.81 3.19
C PRO A 490 -3.10 -40.11 2.65
N ASN A 491 -2.75 -39.49 1.53
CA ASN A 491 -1.43 -39.68 0.92
C ASN A 491 -0.92 -38.30 0.62
N SER A 492 -0.93 -37.45 1.64
CA SER A 492 -0.52 -36.08 1.45
C SER A 492 0.78 -35.71 2.14
N ILE A 493 1.36 -34.61 1.68
CA ILE A 493 2.62 -34.10 2.20
C ILE A 493 2.43 -33.47 3.57
N PHE A 494 1.18 -33.15 3.88
CA PHE A 494 0.82 -32.59 5.18
C PHE A 494 -0.66 -32.79 5.46
N GLY A 495 -1.12 -32.17 6.53
CA GLY A 495 -2.52 -32.31 6.91
C GLY A 495 -3.40 -31.08 6.80
N GLU A 496 -4.68 -31.31 7.03
CA GLU A 496 -5.72 -30.30 6.98
C GLU A 496 -5.27 -28.84 7.27
N SER A 497 -4.77 -28.57 8.47
CA SER A 497 -4.39 -27.21 8.82
C SER A 497 -3.31 -26.52 8.00
N MET A 498 -2.27 -27.27 7.67
CA MET A 498 -1.16 -26.70 6.92
C MET A 498 -1.68 -26.09 5.64
N ILE A 499 -2.70 -26.70 5.08
CA ILE A 499 -3.25 -26.21 3.83
C ILE A 499 -4.33 -25.19 4.08
N GLU A 500 -5.23 -25.50 5.01
CA GLU A 500 -6.35 -24.63 5.32
C GLU A 500 -6.00 -23.27 5.94
N MET A 501 -4.75 -23.12 6.42
CA MET A 501 -4.24 -21.90 7.04
C MET A 501 -3.22 -21.26 6.11
N GLY A 502 -2.49 -22.11 5.39
CA GLY A 502 -1.46 -21.61 4.50
C GLY A 502 -1.95 -21.13 3.17
N ALA A 503 -2.93 -21.82 2.61
CA ALA A 503 -3.48 -21.45 1.30
C ALA A 503 -3.86 -19.99 1.21
N PRO A 504 -4.62 -19.48 2.19
CA PRO A 504 -5.04 -18.07 2.18
C PRO A 504 -3.85 -17.11 2.17
N PHE A 505 -2.96 -17.27 3.13
CA PHE A 505 -1.78 -16.43 3.18
C PHE A 505 -1.10 -16.51 1.82
N SER A 506 -1.12 -17.69 1.21
CA SER A 506 -0.46 -17.93 -0.07
C SER A 506 -1.12 -17.26 -1.27
N LEU A 507 -2.38 -17.57 -1.54
CA LEU A 507 -3.03 -16.98 -2.69
C LEU A 507 -3.21 -15.48 -2.57
N LYS A 508 -3.33 -14.96 -1.36
CA LYS A 508 -3.47 -13.51 -1.21
C LYS A 508 -2.18 -12.83 -1.62
N GLY A 509 -1.06 -13.34 -1.12
CA GLY A 509 0.23 -12.77 -1.44
C GLY A 509 0.66 -12.99 -2.88
N LEU A 510 -0.16 -13.73 -3.63
CA LEU A 510 0.12 -14.01 -5.02
C LEU A 510 -0.73 -13.12 -5.91
N LEU A 511 -2.05 -13.19 -5.76
CA LEU A 511 -2.94 -12.35 -6.56
C LEU A 511 -2.90 -10.91 -6.12
N GLY A 512 -2.53 -10.67 -4.87
CA GLY A 512 -2.46 -9.31 -4.34
C GLY A 512 -1.38 -8.41 -4.91
N ASN A 513 -0.41 -8.99 -5.61
CA ASN A 513 0.70 -8.26 -6.23
C ASN A 513 0.11 -7.23 -7.22
N PRO A 514 0.63 -5.97 -7.23
CA PRO A 514 0.12 -4.94 -8.12
C PRO A 514 0.07 -5.26 -9.61
N ILE A 515 1.00 -6.06 -10.13
CA ILE A 515 0.92 -6.38 -11.55
C ILE A 515 -0.34 -7.20 -11.88
N CYS A 516 -1.09 -7.62 -10.86
CA CYS A 516 -2.29 -8.41 -11.06
C CYS A 516 -3.54 -7.56 -11.05
N SER A 517 -3.35 -6.27 -10.85
CA SER A 517 -4.47 -5.36 -10.82
C SER A 517 -4.81 -5.02 -12.24
N PRO A 518 -6.01 -4.49 -12.46
CA PRO A 518 -6.50 -4.11 -13.79
C PRO A 518 -5.67 -2.97 -14.35
N GLU A 519 -5.06 -2.20 -13.46
CA GLU A 519 -4.24 -1.07 -13.87
C GLU A 519 -2.94 -1.50 -14.52
N TYR A 520 -2.35 -2.56 -13.98
CA TYR A 520 -1.07 -3.08 -14.45
C TYR A 520 -1.15 -4.26 -15.40
N TRP A 521 -2.24 -5.01 -15.37
CA TRP A 521 -2.37 -6.19 -16.23
C TRP A 521 -2.76 -5.81 -17.65
N LYS A 522 -1.91 -5.01 -18.28
CA LYS A 522 -2.07 -4.54 -19.66
C LYS A 522 -0.84 -5.05 -20.37
N ALA A 523 -0.93 -5.28 -21.67
CA ALA A 523 0.25 -5.73 -22.39
C ALA A 523 1.36 -4.67 -22.43
N SER A 524 0.96 -3.39 -22.42
CA SER A 524 1.96 -2.32 -22.46
C SER A 524 2.88 -2.39 -21.25
N THR A 525 2.35 -2.86 -20.13
CA THR A 525 3.12 -2.97 -18.91
C THR A 525 4.38 -3.79 -19.05
N PHE A 526 4.31 -4.85 -19.87
CA PHE A 526 5.43 -5.77 -20.09
C PHE A 526 6.20 -5.54 -21.40
N GLY A 527 6.00 -4.37 -22.00
CA GLY A 527 6.70 -4.06 -23.23
C GLY A 527 6.03 -4.49 -24.53
N GLY A 528 4.81 -5.03 -24.43
CA GLY A 528 4.08 -5.46 -25.61
C GLY A 528 3.67 -6.92 -25.55
N GLU A 529 3.14 -7.44 -26.65
CA GLU A 529 2.71 -8.82 -26.66
C GLU A 529 3.82 -9.77 -26.22
N VAL A 530 5.03 -9.56 -26.74
CA VAL A 530 6.17 -10.41 -26.40
C VAL A 530 6.40 -10.54 -24.91
N GLY A 531 6.42 -9.42 -24.22
CA GLY A 531 6.62 -9.45 -22.79
C GLY A 531 5.45 -10.16 -22.16
N PHE A 532 4.25 -9.73 -22.53
CA PHE A 532 3.04 -10.28 -21.97
C PHE A 532 2.97 -11.79 -22.09
N ASN A 533 3.11 -12.31 -23.29
CA ASN A 533 3.05 -13.73 -23.51
C ASN A 533 4.04 -14.47 -22.65
N LEU A 534 5.29 -13.97 -22.63
CA LEU A 534 6.34 -14.58 -21.81
C LEU A 534 5.69 -14.92 -20.47
N VAL A 535 4.97 -13.97 -19.92
CA VAL A 535 4.29 -14.16 -18.65
C VAL A 535 3.18 -15.20 -18.78
N LYS A 536 2.28 -14.99 -19.72
CA LYS A 536 1.17 -15.89 -19.90
C LYS A 536 1.57 -17.33 -20.23
N THR A 537 2.83 -17.54 -20.56
CA THR A 537 3.26 -18.88 -20.94
C THR A 537 4.28 -19.56 -20.02
N ALA A 538 4.98 -18.77 -19.23
CA ALA A 538 6.01 -19.27 -18.33
C ALA A 538 5.83 -20.69 -17.82
N THR A 539 6.92 -21.43 -17.84
CA THR A 539 6.86 -22.78 -17.34
C THR A 539 8.22 -23.21 -16.79
N LEU A 540 8.19 -23.99 -15.71
CA LEU A 540 9.41 -24.46 -15.07
C LEU A 540 10.37 -25.09 -16.07
N LYS A 541 9.85 -25.74 -17.11
CA LYS A 541 10.74 -26.35 -18.12
C LYS A 541 11.41 -25.28 -18.98
N LYS A 542 10.61 -24.34 -19.50
CA LYS A 542 11.12 -23.26 -20.32
C LYS A 542 12.12 -22.43 -19.50
N LEU A 543 11.77 -22.15 -18.25
CA LEU A 543 12.63 -21.39 -17.36
C LEU A 543 14.01 -22.02 -17.39
N VAL A 544 14.06 -23.34 -17.27
CA VAL A 544 15.35 -24.00 -17.28
C VAL A 544 15.97 -24.16 -18.66
N CYS A 545 15.32 -24.96 -19.48
CA CYS A 545 15.84 -25.28 -20.79
C CYS A 545 16.12 -24.18 -21.80
N LEU A 546 15.65 -22.98 -21.53
CA LEU A 546 15.93 -21.88 -22.44
C LEU A 546 17.11 -21.11 -21.94
N ASN A 547 17.67 -21.55 -20.83
CA ASN A 547 18.83 -20.90 -20.28
C ASN A 547 19.91 -21.92 -20.01
N THR A 548 19.79 -23.10 -20.64
CA THR A 548 20.76 -24.18 -20.47
C THR A 548 21.10 -24.83 -21.81
N LYS A 549 22.34 -25.32 -21.93
CA LYS A 549 22.80 -25.95 -23.17
C LYS A 549 21.96 -27.16 -23.54
N THR A 550 21.58 -27.92 -22.53
CA THR A 550 20.75 -29.08 -22.76
C THR A 550 19.60 -29.12 -21.80
N CYS A 551 18.49 -29.63 -22.26
CA CYS A 551 17.32 -29.71 -21.41
C CYS A 551 17.29 -31.04 -20.70
N PRO A 552 17.45 -31.01 -19.37
CA PRO A 552 17.44 -32.20 -18.54
C PRO A 552 16.03 -32.63 -18.18
N TYR A 553 15.92 -33.57 -17.25
CA TYR A 553 14.61 -33.99 -16.78
C TYR A 553 14.38 -32.85 -15.82
N VAL A 554 13.34 -32.07 -16.04
CA VAL A 554 13.09 -30.97 -15.14
C VAL A 554 11.63 -30.98 -14.75
N SER A 555 11.38 -31.15 -13.46
CA SER A 555 10.04 -31.20 -12.90
C SER A 555 9.99 -31.06 -11.37
N PHE A 556 8.80 -30.82 -10.83
CA PHE A 556 8.65 -30.72 -9.37
C PHE A 556 8.26 -32.10 -8.84
N HIS A 557 7.88 -32.97 -9.76
CA HIS A 557 7.47 -34.33 -9.45
C HIS A 557 8.63 -35.23 -9.75
N VAL A 558 8.91 -36.16 -8.85
CA VAL A 558 9.97 -37.11 -9.05
C VAL A 558 9.46 -37.90 -10.25
N PRO A 559 10.37 -38.37 -11.12
CA PRO A 559 9.94 -39.14 -12.29
C PRO A 559 9.24 -40.43 -11.90
N VAL B 9 10.99 12.18 -35.44
CA VAL B 9 10.43 12.74 -34.17
C VAL B 9 9.82 11.61 -33.36
N ASN B 10 9.76 11.77 -32.05
CA ASN B 10 9.16 10.75 -31.22
C ASN B 10 7.67 10.78 -31.53
N PRO B 11 7.17 9.73 -32.19
CA PRO B 11 5.75 9.67 -32.53
C PRO B 11 4.88 9.93 -31.32
N CYS B 12 5.32 9.47 -30.16
CA CYS B 12 4.53 9.68 -28.98
C CYS B 12 4.39 11.16 -28.60
N CYS B 13 5.23 12.02 -29.18
CA CYS B 13 5.13 13.45 -28.90
C CYS B 13 3.82 14.00 -29.43
N TYR B 14 3.32 13.37 -30.50
CA TYR B 14 2.06 13.80 -31.08
C TYR B 14 0.92 13.39 -30.19
N TYR B 15 1.25 12.71 -29.09
CA TYR B 15 0.25 12.24 -28.14
C TYR B 15 -0.82 11.46 -28.93
N PRO B 16 -0.39 10.50 -29.77
CA PRO B 16 -1.37 9.74 -30.55
C PRO B 16 -2.44 8.91 -29.85
N CYS B 17 -2.19 8.45 -28.62
CA CYS B 17 -3.19 7.61 -27.94
C CYS B 17 -4.31 8.27 -27.13
N GLN B 18 -5.49 8.30 -27.73
CA GLN B 18 -6.69 8.87 -27.13
C GLN B 18 -7.27 8.01 -26.01
N HIS B 19 -8.21 8.60 -25.29
CA HIS B 19 -8.93 7.92 -24.21
C HIS B 19 -8.10 7.02 -23.28
N GLN B 20 -7.02 7.57 -22.76
CA GLN B 20 -6.18 6.85 -21.83
C GLN B 20 -5.41 5.69 -22.42
N GLY B 21 -5.35 5.63 -23.75
CA GLY B 21 -4.59 4.56 -24.39
C GLY B 21 -3.12 4.80 -24.05
N ILE B 22 -2.26 3.78 -24.09
CA ILE B 22 -0.86 4.00 -23.75
C ILE B 22 0.01 4.07 -24.98
N CYS B 23 0.88 5.07 -25.06
CA CYS B 23 1.72 5.17 -26.25
C CYS B 23 3.01 4.40 -26.06
N VAL B 24 3.13 3.24 -26.69
CA VAL B 24 4.36 2.45 -26.59
C VAL B 24 5.20 2.62 -27.85
N ARG B 25 6.45 3.00 -27.68
CA ARG B 25 7.31 3.18 -28.83
C ARG B 25 7.76 1.79 -29.31
N PHE B 26 8.06 1.67 -30.60
CA PHE B 26 8.54 0.42 -31.19
C PHE B 26 9.47 0.80 -32.34
N GLY B 27 10.36 -0.12 -32.72
CA GLY B 27 11.30 0.21 -33.77
C GLY B 27 11.99 1.51 -33.39
N LEU B 28 12.47 2.26 -34.36
CA LEU B 28 13.11 3.54 -34.03
C LEU B 28 12.20 4.62 -34.54
N ASP B 29 11.01 4.23 -34.98
CA ASP B 29 10.12 5.17 -35.60
C ASP B 29 8.66 4.79 -35.49
N ARG B 30 8.36 3.72 -34.78
CA ARG B 30 6.96 3.31 -34.67
C ARG B 30 6.41 3.52 -33.29
N TYR B 31 5.13 3.23 -33.16
CA TYR B 31 4.47 3.34 -31.89
C TYR B 31 3.20 2.50 -31.98
N GLN B 32 2.73 2.06 -30.83
CA GLN B 32 1.53 1.28 -30.70
C GLN B 32 0.78 1.81 -29.48
N CYS B 33 -0.53 1.99 -29.61
CA CYS B 33 -1.32 2.48 -28.48
C CYS B 33 -1.91 1.31 -27.73
N ASP B 34 -1.87 1.34 -26.41
CA ASP B 34 -2.47 0.26 -25.67
C ASP B 34 -3.82 0.75 -25.20
N CYS B 35 -4.88 0.27 -25.84
CA CYS B 35 -6.23 0.70 -25.48
C CYS B 35 -6.94 -0.34 -24.63
N THR B 36 -6.17 -1.14 -23.90
CA THR B 36 -6.78 -2.17 -23.06
C THR B 36 -7.73 -1.49 -22.13
N ARG B 37 -8.93 -2.04 -22.01
CA ARG B 37 -9.92 -1.49 -21.10
C ARG B 37 -10.17 0.01 -21.28
N THR B 38 -9.83 0.58 -22.43
CA THR B 38 -10.05 2.01 -22.60
C THR B 38 -11.50 2.25 -22.99
N GLY B 39 -12.11 1.25 -23.62
CA GLY B 39 -13.48 1.40 -24.08
C GLY B 39 -13.49 1.85 -25.52
N TYR B 40 -12.31 1.88 -26.15
CA TYR B 40 -12.13 2.27 -27.53
C TYR B 40 -11.21 1.26 -28.22
N SER B 41 -11.26 1.26 -29.55
CA SER B 41 -10.46 0.35 -30.34
C SER B 41 -9.82 1.23 -31.39
N GLY B 42 -8.99 0.64 -32.23
CA GLY B 42 -8.37 1.45 -33.26
C GLY B 42 -6.91 1.68 -32.98
N PRO B 43 -6.19 2.24 -33.94
CA PRO B 43 -4.77 2.51 -33.78
C PRO B 43 -4.48 3.54 -32.70
N ASN B 44 -5.45 4.41 -32.44
CA ASN B 44 -5.24 5.45 -31.44
C ASN B 44 -6.31 5.44 -30.34
N CYS B 45 -6.98 4.32 -30.18
CA CYS B 45 -8.04 4.19 -29.17
C CYS B 45 -9.08 5.27 -29.42
N THR B 46 -9.83 5.13 -30.50
CA THR B 46 -10.85 6.11 -30.88
C THR B 46 -12.20 5.51 -31.25
N ILE B 47 -12.20 4.38 -31.93
CA ILE B 47 -13.46 3.73 -32.28
C ILE B 47 -14.06 3.25 -30.98
N PRO B 48 -15.13 3.89 -30.53
CA PRO B 48 -15.72 3.46 -29.27
C PRO B 48 -16.53 2.17 -29.34
N GLU B 49 -16.83 1.65 -28.17
CA GLU B 49 -17.67 0.45 -28.03
C GLU B 49 -19.07 1.06 -27.96
N ILE B 50 -20.08 0.30 -28.33
CA ILE B 50 -21.42 0.86 -28.33
C ILE B 50 -21.81 1.50 -27.01
N TRP B 51 -21.54 0.77 -25.93
CA TRP B 51 -21.89 1.26 -24.62
C TRP B 51 -21.09 2.51 -24.32
N THR B 52 -19.80 2.47 -24.57
CA THR B 52 -18.96 3.62 -24.34
C THR B 52 -19.53 4.80 -25.08
N TRP B 53 -19.95 4.56 -26.31
CA TRP B 53 -20.52 5.62 -27.13
C TRP B 53 -21.75 6.23 -26.50
N LEU B 54 -22.62 5.39 -25.95
CA LEU B 54 -23.82 5.89 -25.29
C LEU B 54 -23.40 6.68 -24.06
N ARG B 55 -22.71 5.99 -23.16
CA ARG B 55 -22.24 6.57 -21.92
C ARG B 55 -21.72 7.97 -22.14
N THR B 56 -20.99 8.18 -23.21
CA THR B 56 -20.45 9.48 -23.49
C THR B 56 -21.41 10.43 -24.17
N THR B 57 -22.18 9.95 -25.14
CA THR B 57 -23.12 10.84 -25.83
C THR B 57 -24.23 11.33 -24.93
N LEU B 58 -24.24 10.87 -23.69
CA LEU B 58 -25.28 11.29 -22.78
C LEU B 58 -24.78 12.07 -21.56
N ARG B 59 -23.49 12.01 -21.27
CA ARG B 59 -22.96 12.73 -20.11
C ARG B 59 -23.25 14.22 -20.22
N PRO B 60 -24.08 14.76 -19.30
CA PRO B 60 -24.39 16.21 -19.34
C PRO B 60 -23.12 16.97 -18.99
N SER B 61 -22.91 18.09 -19.67
CA SER B 61 -21.70 18.86 -19.44
C SER B 61 -21.44 19.14 -17.99
N PRO B 62 -20.16 19.32 -17.63
CA PRO B 62 -19.80 19.61 -16.25
C PRO B 62 -20.54 20.86 -15.85
N SER B 63 -20.70 21.77 -16.81
CA SER B 63 -21.38 23.02 -16.58
C SER B 63 -22.84 22.81 -16.16
N PHE B 64 -23.56 21.98 -16.91
CA PHE B 64 -24.95 21.71 -16.59
C PHE B 64 -25.05 21.14 -15.20
N ILE B 65 -24.23 20.14 -14.95
CA ILE B 65 -24.23 19.49 -13.65
C ILE B 65 -24.04 20.52 -12.54
N HIS B 66 -23.02 21.35 -12.69
CA HIS B 66 -22.72 22.38 -11.70
C HIS B 66 -23.91 23.28 -11.45
N PHE B 67 -24.60 23.61 -12.53
CA PHE B 67 -25.76 24.45 -12.47
C PHE B 67 -26.84 23.82 -11.61
N LEU B 68 -27.13 22.56 -11.88
CA LEU B 68 -28.13 21.85 -11.11
C LEU B 68 -27.73 21.75 -9.64
N LEU B 69 -26.47 21.46 -9.38
CA LEU B 69 -26.02 21.31 -8.01
C LEU B 69 -25.99 22.58 -7.20
N THR B 70 -26.32 23.69 -7.82
CA THR B 70 -26.31 24.95 -7.10
C THR B 70 -27.63 25.70 -7.17
N HIS B 71 -28.67 25.03 -7.65
CA HIS B 71 -29.97 25.66 -7.77
C HIS B 71 -31.12 24.84 -7.25
N GLY B 72 -32.24 25.50 -7.02
CA GLY B 72 -33.42 24.82 -6.55
C GLY B 72 -33.28 24.38 -5.12
N ARG B 73 -32.77 25.27 -4.27
CA ARG B 73 -32.54 25.00 -2.86
C ARG B 73 -33.64 24.13 -2.31
N TRP B 74 -34.88 24.50 -2.65
CA TRP B 74 -36.07 23.80 -2.24
C TRP B 74 -36.05 22.34 -2.63
N LEU B 75 -35.88 22.08 -3.92
CA LEU B 75 -35.87 20.72 -4.38
C LEU B 75 -34.76 19.95 -3.69
N TRP B 76 -33.60 20.58 -3.53
CA TRP B 76 -32.46 19.94 -2.90
C TRP B 76 -32.69 19.59 -1.44
N ASP B 77 -33.39 20.45 -0.73
CA ASP B 77 -33.67 20.18 0.68
C ASP B 77 -34.46 18.91 0.84
N PHE B 78 -35.34 18.64 -0.11
CA PHE B 78 -36.12 17.42 -0.04
C PHE B 78 -35.19 16.25 -0.28
N VAL B 79 -34.45 16.32 -1.38
CA VAL B 79 -33.51 15.28 -1.74
C VAL B 79 -32.65 14.96 -0.53
N ASN B 80 -32.02 15.98 0.04
CA ASN B 80 -31.17 15.81 1.21
C ASN B 80 -31.86 15.06 2.34
N ALA B 81 -33.18 15.14 2.37
CA ALA B 81 -33.96 14.50 3.41
C ALA B 81 -34.36 13.06 3.08
N THR B 82 -34.13 12.67 1.84
CA THR B 82 -34.50 11.32 1.41
C THR B 82 -33.24 10.46 1.28
N PHE B 83 -33.43 9.21 0.85
CA PHE B 83 -32.30 8.30 0.67
C PHE B 83 -31.47 8.73 -0.53
N ILE B 84 -32.07 9.52 -1.41
CA ILE B 84 -31.37 9.99 -2.58
C ILE B 84 -30.05 10.70 -2.26
N ARG B 85 -29.95 11.32 -1.09
CA ARG B 85 -28.71 11.97 -0.69
C ARG B 85 -27.59 10.95 -0.76
N ASP B 86 -27.78 9.86 -0.03
CA ASP B 86 -26.80 8.79 0.04
C ASP B 86 -26.45 8.25 -1.31
N THR B 87 -27.46 8.10 -2.15
CA THR B 87 -27.22 7.58 -3.46
C THR B 87 -26.32 8.48 -4.30
N LEU B 88 -26.63 9.77 -4.33
CA LEU B 88 -25.83 10.68 -5.10
C LEU B 88 -24.45 10.77 -4.47
N MET B 89 -24.40 10.74 -3.15
CA MET B 89 -23.12 10.84 -2.43
C MET B 89 -22.23 9.68 -2.81
N ARG B 90 -22.83 8.51 -2.96
CA ARG B 90 -22.09 7.31 -3.34
C ARG B 90 -21.65 7.45 -4.80
N LEU B 91 -22.55 7.97 -5.63
CA LEU B 91 -22.25 8.14 -7.05
C LEU B 91 -21.01 9.01 -7.19
N VAL B 92 -21.08 10.22 -6.66
CA VAL B 92 -19.97 11.16 -6.67
C VAL B 92 -18.64 10.46 -6.29
N LEU B 93 -18.63 9.87 -5.08
CA LEU B 93 -17.48 9.16 -4.55
C LEU B 93 -16.87 8.15 -5.52
N THR B 94 -17.69 7.36 -6.20
CA THR B 94 -17.13 6.39 -7.10
C THR B 94 -16.75 7.00 -8.42
N VAL B 95 -17.75 7.54 -9.12
CA VAL B 95 -17.53 8.14 -10.42
C VAL B 95 -16.38 9.15 -10.44
N ARG B 96 -16.12 9.79 -9.31
CA ARG B 96 -15.07 10.76 -9.22
C ARG B 96 -13.71 10.06 -9.08
N SER B 97 -13.72 8.98 -8.31
CA SER B 97 -12.52 8.20 -8.01
C SER B 97 -11.90 7.41 -9.17
N ASN B 98 -12.71 6.86 -10.05
CA ASN B 98 -12.20 6.06 -11.16
C ASN B 98 -11.21 6.79 -12.03
N LEU B 99 -11.19 8.11 -11.94
CA LEU B 99 -10.28 8.89 -12.75
C LEU B 99 -8.84 8.77 -12.25
N ILE B 100 -8.70 8.40 -10.98
CA ILE B 100 -7.42 8.23 -10.34
C ILE B 100 -7.02 6.75 -10.25
N PRO B 101 -5.91 6.36 -10.90
CA PRO B 101 -5.33 5.02 -10.97
C PRO B 101 -4.74 4.46 -9.67
N SER B 102 -4.99 3.18 -9.42
CA SER B 102 -4.51 2.49 -8.23
C SER B 102 -4.33 1.01 -8.45
N PRO B 103 -3.14 0.48 -8.21
CA PRO B 103 -1.92 1.15 -7.73
C PRO B 103 -1.54 2.24 -8.67
N PRO B 104 -0.71 3.18 -8.21
CA PRO B 104 -0.27 4.30 -9.03
C PRO B 104 0.52 3.87 -10.26
N THR B 105 0.77 4.80 -11.19
CA THR B 105 1.47 4.46 -12.41
C THR B 105 2.91 4.95 -12.53
N TYR B 106 3.09 6.17 -13.04
CA TYR B 106 4.42 6.74 -13.26
C TYR B 106 4.92 7.72 -12.21
N ASN B 107 6.18 8.12 -12.37
CA ASN B 107 6.79 9.10 -11.50
C ASN B 107 7.77 9.87 -12.37
N ILE B 108 8.42 10.89 -11.79
CA ILE B 108 9.35 11.72 -12.53
C ILE B 108 10.44 10.89 -13.18
N ALA B 109 10.69 9.72 -12.60
CA ALA B 109 11.71 8.79 -13.07
C ALA B 109 11.28 7.85 -14.18
N HIS B 110 10.07 7.30 -14.06
CA HIS B 110 9.58 6.35 -15.03
C HIS B 110 8.27 6.73 -15.63
N ASP B 111 8.28 6.99 -16.92
CA ASP B 111 7.06 7.32 -17.61
C ASP B 111 6.49 6.01 -18.12
N TYR B 112 6.56 5.00 -17.26
CA TYR B 112 6.04 3.67 -17.57
C TYR B 112 5.83 3.03 -16.22
N ILE B 113 4.98 2.02 -16.12
CA ILE B 113 4.75 1.36 -14.84
C ILE B 113 6.04 0.64 -14.54
N SER B 114 6.41 0.52 -13.28
CA SER B 114 7.66 -0.17 -12.92
C SER B 114 7.58 -0.53 -11.46
N TRP B 115 8.21 -1.63 -11.08
CA TRP B 115 8.15 -1.98 -9.67
C TRP B 115 8.64 -0.83 -8.79
N GLU B 116 9.73 -0.19 -9.19
CA GLU B 116 10.31 0.91 -8.43
C GLU B 116 9.35 2.06 -8.26
N SER B 117 8.63 2.42 -9.31
CA SER B 117 7.68 3.51 -9.17
C SER B 117 6.58 3.13 -8.18
N PHE B 118 6.19 1.86 -8.21
CA PHE B 118 5.15 1.33 -7.35
C PHE B 118 5.55 1.19 -5.92
N SER B 119 6.83 0.98 -5.70
CA SER B 119 7.32 0.80 -4.33
C SER B 119 8.13 1.93 -3.72
N ASN B 120 8.91 2.66 -4.52
CA ASN B 120 9.67 3.75 -3.95
C ASN B 120 8.72 4.89 -3.67
N VAL B 121 8.29 4.98 -2.41
CA VAL B 121 7.34 5.98 -1.99
C VAL B 121 7.83 7.43 -1.78
N SER B 122 9.09 7.69 -2.11
CA SER B 122 9.62 9.02 -1.97
C SER B 122 9.24 9.85 -3.18
N TYR B 123 8.77 9.22 -4.24
CA TYR B 123 8.36 9.93 -5.45
C TYR B 123 6.88 10.35 -5.45
N TYR B 124 6.61 11.55 -5.97
CA TYR B 124 5.25 12.04 -6.12
C TYR B 124 4.91 11.34 -7.42
N THR B 125 3.70 10.80 -7.51
CA THR B 125 3.28 10.11 -8.72
C THR B 125 2.63 11.12 -9.63
N ARG B 126 2.32 10.68 -10.85
CA ARG B 126 1.70 11.54 -11.84
C ARG B 126 0.68 10.75 -12.66
N ILE B 127 -0.31 11.45 -13.21
CA ILE B 127 -1.35 10.83 -14.03
C ILE B 127 -0.90 10.68 -15.49
N LEU B 128 -0.25 11.71 -16.01
CA LEU B 128 0.22 11.68 -17.39
C LEU B 128 1.73 11.81 -17.49
N PRO B 129 2.33 10.88 -18.22
CA PRO B 129 3.77 10.83 -18.46
C PRO B 129 4.23 12.14 -19.07
N SER B 130 5.43 12.55 -18.70
CA SER B 130 6.03 13.80 -19.17
C SER B 130 6.14 13.99 -20.68
N VAL B 131 6.31 15.24 -21.09
CA VAL B 131 6.49 15.52 -22.50
C VAL B 131 7.89 14.99 -22.67
N PRO B 132 8.07 14.04 -23.58
CA PRO B 132 9.36 13.41 -23.84
C PRO B 132 10.45 14.42 -24.12
N ARG B 133 11.63 14.20 -23.57
CA ARG B 133 12.74 15.12 -23.77
C ARG B 133 13.24 15.17 -25.22
N ASP B 134 12.70 14.31 -26.09
CA ASP B 134 13.13 14.30 -27.47
C ASP B 134 12.07 14.81 -28.44
N CYS B 135 11.17 15.65 -27.93
CA CYS B 135 10.12 16.21 -28.77
C CYS B 135 10.61 17.51 -29.38
N PRO B 136 9.97 17.94 -30.47
CA PRO B 136 10.28 19.18 -31.20
C PRO B 136 10.20 20.42 -30.31
N THR B 137 9.03 20.69 -29.77
CA THR B 137 8.88 21.84 -28.91
C THR B 137 8.82 21.31 -27.49
N PRO B 138 8.80 22.20 -26.49
CA PRO B 138 8.74 21.78 -25.08
C PRO B 138 7.42 21.13 -24.67
N MET B 139 6.33 21.50 -25.33
CA MET B 139 5.05 20.93 -24.99
C MET B 139 4.75 19.74 -25.88
N GLY B 140 5.73 19.39 -26.71
CA GLY B 140 5.59 18.25 -27.60
C GLY B 140 5.80 18.64 -29.04
N THR B 141 4.69 18.90 -29.71
CA THR B 141 4.69 19.26 -31.10
C THR B 141 4.32 20.72 -31.35
N LYS B 142 3.22 21.18 -30.75
CA LYS B 142 2.77 22.55 -30.97
C LYS B 142 3.43 23.53 -30.04
N GLY B 143 3.12 24.81 -30.22
CA GLY B 143 3.69 25.85 -29.37
C GLY B 143 5.02 26.33 -29.92
N LYS B 144 5.66 27.25 -29.22
CA LYS B 144 6.95 27.79 -29.67
C LYS B 144 8.10 26.99 -29.06
N LYS B 145 9.32 27.19 -29.56
CA LYS B 145 10.48 26.48 -29.04
C LYS B 145 10.90 27.01 -27.68
N GLN B 146 10.39 28.17 -27.32
CA GLN B 146 10.73 28.82 -26.07
C GLN B 146 9.44 29.11 -25.33
N LEU B 147 9.37 28.67 -24.09
CA LEU B 147 8.17 28.91 -23.30
C LEU B 147 8.21 30.32 -22.67
N PRO B 148 7.04 30.95 -22.47
CA PRO B 148 6.93 32.29 -21.88
C PRO B 148 7.74 32.42 -20.59
N ASP B 149 8.32 33.57 -20.37
CA ASP B 149 9.11 33.80 -19.16
C ASP B 149 8.22 33.83 -17.93
N ALA B 150 8.27 32.74 -17.15
CA ALA B 150 7.50 32.57 -15.92
C ALA B 150 7.23 33.88 -15.18
N GLU B 151 8.30 34.59 -14.82
CA GLU B 151 8.25 35.86 -14.11
C GLU B 151 7.27 36.81 -14.77
N PHE B 152 7.50 37.09 -16.06
CA PHE B 152 6.66 37.98 -16.87
C PHE B 152 5.23 37.45 -16.84
N LEU B 153 5.10 36.24 -17.34
CA LEU B 153 3.86 35.52 -17.41
C LEU B 153 3.06 35.72 -16.11
N SER B 154 3.78 35.82 -15.00
CA SER B 154 3.17 36.00 -13.69
C SER B 154 2.77 37.43 -13.37
N ARG B 155 3.66 38.38 -13.64
CA ARG B 155 3.38 39.79 -13.34
C ARG B 155 2.26 40.31 -14.23
N ARG B 156 2.10 39.68 -15.39
CA ARG B 156 1.08 40.07 -16.36
C ARG B 156 -0.32 39.55 -16.09
N PHE B 157 -0.44 38.30 -15.68
CA PHE B 157 -1.77 37.73 -15.45
C PHE B 157 -2.10 37.15 -14.08
N LEU B 158 -1.12 37.01 -13.20
CA LEU B 158 -1.42 36.44 -11.90
C LEU B 158 -1.28 37.48 -10.81
N LEU B 159 -0.49 38.52 -11.08
CA LEU B 159 -0.28 39.57 -10.11
C LEU B 159 -1.52 40.35 -9.77
N ARG B 160 -1.97 40.20 -8.52
CA ARG B 160 -3.13 40.91 -8.02
C ARG B 160 -2.94 42.40 -8.15
N ARG B 161 -3.87 43.05 -8.84
CA ARG B 161 -3.84 44.50 -9.02
C ARG B 161 -4.81 45.10 -8.01
N LYS B 162 -6.01 44.55 -7.95
CA LYS B 162 -7.03 45.01 -7.02
C LYS B 162 -7.53 43.71 -6.43
N PHE B 163 -7.72 43.67 -5.12
CA PHE B 163 -8.16 42.46 -4.47
C PHE B 163 -9.55 42.01 -4.85
N ILE B 164 -9.64 40.95 -5.63
CA ILE B 164 -10.95 40.42 -5.99
C ILE B 164 -11.25 39.44 -4.88
N PRO B 165 -12.39 39.62 -4.20
CA PRO B 165 -12.66 38.66 -3.14
C PRO B 165 -13.48 37.49 -3.68
N ASP B 166 -13.39 36.34 -3.02
CA ASP B 166 -14.14 35.18 -3.43
C ASP B 166 -15.60 35.39 -3.14
N PRO B 167 -16.41 35.17 -4.16
CA PRO B 167 -17.86 35.31 -4.18
C PRO B 167 -18.57 34.30 -3.27
N GLN B 168 -18.01 33.11 -3.13
CA GLN B 168 -18.63 32.09 -2.28
C GLN B 168 -18.62 32.44 -0.79
N GLY B 169 -17.93 33.51 -0.44
CA GLY B 169 -17.88 33.95 0.93
C GLY B 169 -16.86 33.24 1.77
N THR B 170 -15.98 32.50 1.09
CA THR B 170 -14.91 31.78 1.75
C THR B 170 -14.07 32.83 2.50
N ASN B 171 -13.74 32.55 3.76
CA ASN B 171 -12.98 33.48 4.58
C ASN B 171 -11.53 33.06 4.78
N LEU B 172 -10.86 33.66 5.77
CA LEU B 172 -9.48 33.30 6.04
C LEU B 172 -9.40 31.99 6.78
N MET B 173 -10.35 31.74 7.69
CA MET B 173 -10.38 30.49 8.47
C MET B 173 -10.23 29.28 7.53
N PHE B 174 -10.93 29.34 6.40
CA PHE B 174 -10.89 28.30 5.37
C PHE B 174 -9.52 28.30 4.69
N ALA B 175 -9.00 29.47 4.36
CA ALA B 175 -7.72 29.55 3.69
C ALA B 175 -6.64 28.93 4.55
N PHE B 176 -6.66 29.22 5.84
CA PHE B 176 -5.65 28.67 6.73
C PHE B 176 -5.85 27.20 6.94
N PHE B 177 -7.10 26.78 7.09
CA PHE B 177 -7.37 25.37 7.22
C PHE B 177 -6.79 24.64 6.00
N ALA B 178 -7.21 25.06 4.81
CA ALA B 178 -6.73 24.47 3.56
C ALA B 178 -5.22 24.39 3.58
N GLN B 179 -4.57 25.52 3.77
CA GLN B 179 -3.11 25.55 3.81
C GLN B 179 -2.54 24.55 4.80
N HIS B 180 -3.00 24.62 6.05
CA HIS B 180 -2.54 23.72 7.10
C HIS B 180 -2.71 22.26 6.73
N PHE B 181 -3.92 21.93 6.27
CA PHE B 181 -4.31 20.58 5.88
C PHE B 181 -3.50 20.02 4.76
N THR B 182 -3.37 20.78 3.68
CA THR B 182 -2.63 20.31 2.53
C THR B 182 -1.16 20.12 2.82
N HIS B 183 -0.65 20.76 3.87
CA HIS B 183 0.76 20.60 4.17
C HIS B 183 1.10 19.37 4.93
N GLN B 184 0.21 18.38 4.86
CA GLN B 184 0.47 17.12 5.51
C GLN B 184 0.79 16.11 4.40
N PHE B 185 0.39 16.41 3.17
CA PHE B 185 0.70 15.50 2.07
C PHE B 185 1.56 16.09 0.93
N PHE B 186 1.65 17.42 0.93
CA PHE B 186 2.48 18.14 -0.02
C PHE B 186 3.63 18.59 0.89
N LYS B 187 4.81 18.02 0.67
CA LYS B 187 5.99 18.31 1.49
C LYS B 187 7.20 17.96 0.64
N THR B 188 7.36 18.65 -0.49
CA THR B 188 8.46 18.40 -1.40
C THR B 188 9.84 18.49 -0.77
N SER B 189 10.67 17.50 -1.08
CA SER B 189 12.03 17.36 -0.57
C SER B 189 12.97 18.30 -1.30
N GLY B 190 13.34 19.39 -0.64
CA GLY B 190 14.22 20.36 -1.24
C GLY B 190 15.59 19.81 -1.56
N LYS B 191 16.06 18.88 -0.73
CA LYS B 191 17.37 18.28 -0.94
C LYS B 191 17.29 17.23 -2.03
N MET B 192 16.10 16.71 -2.27
CA MET B 192 15.92 15.67 -3.28
C MET B 192 15.58 16.16 -4.66
N GLY B 193 14.87 17.28 -4.73
CA GLY B 193 14.49 17.82 -6.02
C GLY B 193 13.02 17.64 -6.25
N PRO B 194 12.48 18.28 -7.29
CA PRO B 194 11.05 18.19 -7.60
C PRO B 194 10.67 16.73 -7.83
N GLY B 195 9.43 16.37 -7.52
CA GLY B 195 9.02 14.99 -7.73
C GLY B 195 9.33 14.05 -6.58
N PHE B 196 9.93 14.57 -5.51
CA PHE B 196 10.27 13.80 -4.31
C PHE B 196 9.64 14.50 -3.10
N THR B 197 8.84 13.77 -2.33
CA THR B 197 8.15 14.33 -1.18
C THR B 197 8.67 13.69 0.07
N LYS B 198 8.57 14.37 1.19
CA LYS B 198 9.02 13.80 2.45
C LYS B 198 7.80 13.24 3.15
N ALA B 199 6.63 13.57 2.62
CA ALA B 199 5.41 13.11 3.23
C ALA B 199 5.07 11.73 2.76
N LEU B 200 5.83 10.74 3.22
CA LEU B 200 5.53 9.35 2.86
C LEU B 200 4.28 9.18 3.69
N GLY B 201 3.27 8.50 3.18
CA GLY B 201 2.02 8.42 3.93
C GLY B 201 1.02 8.81 2.84
N HIS B 202 1.45 9.76 2.02
CA HIS B 202 0.70 10.17 0.85
C HIS B 202 -0.78 10.38 1.06
N GLY B 203 -1.14 10.96 2.18
CA GLY B 203 -2.55 11.17 2.44
C GLY B 203 -2.80 11.85 3.76
N VAL B 204 -3.98 11.60 4.31
CA VAL B 204 -4.34 12.20 5.57
C VAL B 204 -3.83 11.32 6.71
N ASP B 205 -2.54 11.34 6.98
CA ASP B 205 -2.03 10.53 8.07
C ASP B 205 -1.90 11.38 9.33
N LEU B 206 -2.45 12.59 9.24
CA LEU B 206 -2.40 13.54 10.33
C LEU B 206 -0.96 13.72 10.84
N GLY B 207 -0.04 13.59 9.91
CA GLY B 207 1.37 13.70 10.22
C GLY B 207 1.92 15.08 10.43
N HIS B 208 1.11 16.11 10.22
CA HIS B 208 1.60 17.45 10.45
C HIS B 208 1.40 17.78 11.92
N ILE B 209 0.83 16.83 12.65
CA ILE B 209 0.59 16.98 14.07
C ILE B 209 1.55 16.10 14.83
N TYR B 210 1.84 14.93 14.28
CA TYR B 210 2.73 14.00 14.96
C TYR B 210 4.12 13.90 14.38
N GLY B 211 4.41 14.69 13.35
CA GLY B 211 5.71 14.63 12.72
C GLY B 211 5.71 13.53 11.67
N ASP B 212 6.56 13.66 10.65
CA ASP B 212 6.61 12.67 9.57
C ASP B 212 7.60 11.53 9.77
N ASN B 213 7.91 11.21 11.01
CA ASN B 213 8.84 10.11 11.31
C ASN B 213 8.88 9.83 12.79
N LEU B 214 9.01 8.55 13.11
CA LEU B 214 9.03 8.08 14.47
C LEU B 214 9.77 8.95 15.45
N GLU B 215 11.05 9.18 15.19
CA GLU B 215 11.86 10.00 16.09
C GLU B 215 11.12 11.31 16.41
N ARG B 216 10.76 12.06 15.38
CA ARG B 216 10.09 13.35 15.56
C ARG B 216 8.81 13.19 16.36
N GLN B 217 8.11 12.08 16.16
CA GLN B 217 6.88 11.84 16.88
C GLN B 217 7.21 11.66 18.34
N TYR B 218 8.13 10.75 18.62
CA TYR B 218 8.55 10.47 19.98
C TYR B 218 8.97 11.75 20.70
N GLN B 219 9.62 12.65 19.96
CA GLN B 219 10.07 13.92 20.49
C GLN B 219 8.92 14.78 21.00
N LEU B 220 7.82 14.77 20.24
CA LEU B 220 6.65 15.54 20.56
C LEU B 220 5.69 14.83 21.53
N ARG B 221 5.90 13.53 21.74
CA ARG B 221 5.02 12.79 22.65
C ARG B 221 5.35 13.01 24.11
N LEU B 222 4.29 13.07 24.91
CA LEU B 222 4.42 13.28 26.34
C LEU B 222 4.81 11.97 27.04
N PHE B 223 4.39 10.87 26.44
CA PHE B 223 4.64 9.53 26.97
C PHE B 223 4.01 9.29 28.32
N LYS B 224 2.80 9.83 28.46
CA LYS B 224 1.97 9.71 29.64
C LYS B 224 0.53 10.01 29.20
N ASP B 225 -0.39 9.09 29.48
CA ASP B 225 -1.80 9.24 29.14
C ASP B 225 -2.17 9.43 27.68
N GLY B 226 -1.24 9.07 26.79
CA GLY B 226 -1.46 9.20 25.36
C GLY B 226 -1.30 10.63 24.89
N LYS B 227 -1.03 11.52 25.85
CA LYS B 227 -0.88 12.93 25.59
C LYS B 227 0.30 13.33 24.70
N LEU B 228 0.23 14.58 24.26
CA LEU B 228 1.19 15.23 23.40
C LEU B 228 1.81 16.32 24.27
N LYS B 229 3.14 16.42 24.22
CA LYS B 229 3.86 17.43 24.99
C LYS B 229 3.26 18.77 24.64
N TYR B 230 3.18 19.67 25.62
CA TYR B 230 2.63 20.99 25.39
C TYR B 230 3.12 21.88 26.51
N GLN B 231 2.71 23.15 26.47
CA GLN B 231 3.08 24.14 27.47
C GLN B 231 1.94 25.10 27.77
N MET B 232 2.05 25.80 28.90
CA MET B 232 1.03 26.76 29.31
C MET B 232 1.57 28.19 29.24
N LEU B 233 0.79 29.09 28.68
CA LEU B 233 1.17 30.48 28.59
C LEU B 233 -0.12 31.20 28.89
N ASN B 234 -0.08 32.12 29.85
CA ASN B 234 -1.27 32.87 30.26
C ASN B 234 -2.32 31.85 30.65
N GLY B 235 -1.85 30.77 31.25
CA GLY B 235 -2.72 29.69 31.70
C GLY B 235 -3.55 29.10 30.58
N GLU B 236 -2.91 28.81 29.45
CA GLU B 236 -3.59 28.23 28.30
C GLU B 236 -2.62 27.29 27.60
N VAL B 237 -3.17 26.28 26.95
CA VAL B 237 -2.37 25.29 26.25
C VAL B 237 -1.88 25.69 24.87
N TYR B 238 -0.57 25.71 24.66
CA TYR B 238 0.03 26.02 23.38
C TYR B 238 1.10 24.98 23.17
N PRO B 239 1.46 24.70 21.92
CA PRO B 239 2.49 23.70 21.61
C PRO B 239 3.72 23.94 22.48
N PRO B 240 4.54 22.90 22.71
CA PRO B 240 5.74 23.02 23.54
C PRO B 240 6.83 23.85 22.86
N SER B 241 7.89 24.14 23.60
CA SER B 241 8.99 24.91 23.06
C SER B 241 9.97 23.95 22.41
N VAL B 242 10.71 24.47 21.44
CA VAL B 242 11.70 23.69 20.75
C VAL B 242 12.75 23.29 21.76
N GLU B 243 12.74 23.98 22.90
CA GLU B 243 13.67 23.68 23.97
C GLU B 243 13.16 22.41 24.65
N GLU B 244 11.86 22.36 24.93
CA GLU B 244 11.25 21.22 25.59
C GLU B 244 11.24 20.00 24.70
N ALA B 245 10.77 20.17 23.48
CA ALA B 245 10.72 19.13 22.48
C ALA B 245 11.65 19.61 21.39
N PRO B 246 12.92 19.24 21.49
CA PRO B 246 14.01 19.58 20.59
C PRO B 246 13.89 18.97 19.20
N VAL B 247 12.89 19.44 18.46
CA VAL B 247 12.67 18.94 17.13
C VAL B 247 13.01 20.04 16.09
N LEU B 248 13.47 19.65 14.91
CA LEU B 248 13.84 20.61 13.88
C LEU B 248 12.65 21.46 13.43
N MET B 249 12.82 22.78 13.48
CA MET B 249 11.79 23.72 13.05
C MET B 249 12.41 24.75 12.11
N HIS B 250 11.58 25.42 11.33
CA HIS B 250 12.10 26.42 10.43
C HIS B 250 11.65 27.77 10.92
N TYR B 251 12.60 28.51 11.48
CA TYR B 251 12.40 29.86 12.01
C TYR B 251 13.63 30.60 11.52
N PRO B 252 13.52 31.91 11.33
CA PRO B 252 14.72 32.63 10.86
C PRO B 252 15.82 32.60 11.94
N ARG B 253 17.07 32.59 11.47
CA ARG B 253 18.23 32.58 12.35
C ARG B 253 18.06 33.72 13.33
N GLY B 254 18.39 33.46 14.59
CA GLY B 254 18.27 34.51 15.57
C GLY B 254 17.11 34.33 16.51
N ILE B 255 16.06 33.66 16.05
CA ILE B 255 14.94 33.41 16.93
C ILE B 255 15.41 32.26 17.82
N PRO B 256 15.32 32.42 19.15
CA PRO B 256 15.75 31.40 20.11
C PRO B 256 14.81 30.23 20.25
N PRO B 257 15.36 29.07 20.64
CA PRO B 257 14.58 27.84 20.83
C PRO B 257 13.47 28.08 21.83
N GLN B 258 13.74 28.93 22.81
CA GLN B 258 12.76 29.24 23.82
C GLN B 258 11.67 30.13 23.29
N SER B 259 11.71 30.45 22.00
CA SER B 259 10.68 31.29 21.41
C SER B 259 10.07 30.61 20.21
N GLN B 260 10.45 29.36 20.01
CA GLN B 260 9.96 28.58 18.89
C GLN B 260 9.06 27.40 19.32
N MET B 261 7.97 27.19 18.60
CA MET B 261 7.07 26.09 18.92
C MET B 261 7.34 24.87 18.08
N ALA B 262 7.50 23.73 18.77
CA ALA B 262 7.74 22.44 18.15
C ALA B 262 6.37 21.88 17.80
N VAL B 263 6.18 21.49 16.54
CA VAL B 263 4.87 20.99 16.14
C VAL B 263 4.73 19.73 15.30
N GLY B 264 5.59 19.52 14.30
CA GLY B 264 5.41 18.31 13.51
C GLY B 264 5.67 18.62 12.07
N GLN B 265 5.14 19.77 11.66
CA GLN B 265 5.33 20.29 10.30
C GLN B 265 6.33 21.44 10.47
N GLU B 266 7.62 21.12 10.28
CA GLU B 266 8.72 22.07 10.43
C GLU B 266 8.45 23.51 9.97
N VAL B 267 7.72 23.64 8.87
CA VAL B 267 7.42 24.93 8.31
C VAL B 267 6.32 25.74 8.98
N PHE B 268 5.40 25.07 9.66
CA PHE B 268 4.27 25.73 10.30
C PHE B 268 4.54 26.91 11.23
N GLY B 269 5.82 27.20 11.50
CA GLY B 269 6.12 28.30 12.40
C GLY B 269 6.08 29.69 11.80
N LEU B 270 6.07 29.74 10.48
CA LEU B 270 6.12 31.00 9.79
C LEU B 270 4.77 31.53 9.36
N LEU B 271 3.85 31.65 10.31
CA LEU B 271 2.49 32.15 10.05
C LEU B 271 1.52 31.73 11.14
N PRO B 272 1.04 32.68 11.95
CA PRO B 272 0.10 32.41 13.04
C PRO B 272 -1.05 31.50 12.61
N GLY B 273 -1.66 31.80 11.46
CA GLY B 273 -2.75 30.97 10.96
C GLY B 273 -2.47 29.49 11.10
N LEU B 274 -1.25 29.08 10.77
CA LEU B 274 -0.86 27.68 10.87
C LEU B 274 -0.74 27.26 12.33
N MET B 275 0.15 27.91 13.07
CA MET B 275 0.35 27.58 14.47
C MET B 275 -0.98 27.63 15.26
N LEU B 276 -1.96 28.36 14.74
CA LEU B 276 -3.29 28.48 15.35
C LEU B 276 -3.94 27.11 15.24
N TYR B 277 -4.08 26.66 14.00
CA TYR B 277 -4.69 25.36 13.74
C TYR B 277 -3.86 24.27 14.39
N ALA B 278 -2.55 24.48 14.51
CA ALA B 278 -1.72 23.46 15.14
C ALA B 278 -2.00 23.40 16.64
N THR B 279 -2.41 24.52 17.21
CA THR B 279 -2.72 24.55 18.64
C THR B 279 -4.06 23.87 18.87
N ILE B 280 -5.06 24.18 18.04
CA ILE B 280 -6.38 23.57 18.19
C ILE B 280 -6.29 22.04 18.12
N TRP B 281 -5.67 21.51 17.07
CA TRP B 281 -5.53 20.06 16.93
C TRP B 281 -4.78 19.43 18.10
N LEU B 282 -3.74 20.08 18.60
CA LEU B 282 -3.00 19.51 19.73
C LEU B 282 -3.95 19.41 20.90
N ARG B 283 -4.57 20.52 21.24
CA ARG B 283 -5.50 20.55 22.35
C ARG B 283 -6.51 19.43 22.18
N GLU B 284 -7.06 19.29 20.98
CA GLU B 284 -8.02 18.24 20.70
C GLU B 284 -7.47 16.85 20.98
N HIS B 285 -6.24 16.59 20.58
CA HIS B 285 -5.60 15.28 20.80
C HIS B 285 -5.53 14.92 22.27
N ASN B 286 -4.99 15.83 23.08
CA ASN B 286 -4.88 15.57 24.50
C ASN B 286 -6.25 15.38 25.13
N ARG B 287 -7.26 16.07 24.59
CA ARG B 287 -8.61 15.95 25.09
C ARG B 287 -9.18 14.53 24.85
N VAL B 288 -9.05 14.04 23.63
CA VAL B 288 -9.55 12.72 23.29
C VAL B 288 -8.81 11.70 24.16
N CYS B 289 -7.56 12.00 24.51
CA CYS B 289 -6.80 11.12 25.37
C CYS B 289 -7.46 10.97 26.71
N ASP B 290 -7.96 12.08 27.25
CA ASP B 290 -8.61 12.01 28.54
C ASP B 290 -9.87 11.17 28.50
N LEU B 291 -10.65 11.30 27.44
CA LEU B 291 -11.86 10.50 27.30
C LEU B 291 -11.51 9.02 27.29
N LEU B 292 -10.61 8.66 26.40
CA LEU B 292 -10.20 7.29 26.25
C LEU B 292 -9.75 6.66 27.54
N LYS B 293 -8.98 7.37 28.34
CA LYS B 293 -8.48 6.84 29.60
C LYS B 293 -9.61 6.54 30.57
N ALA B 294 -10.59 7.42 30.61
CA ALA B 294 -11.73 7.24 31.48
C ALA B 294 -12.36 5.90 31.19
N GLU B 295 -12.60 5.67 29.91
CA GLU B 295 -13.21 4.47 29.41
C GLU B 295 -12.25 3.29 29.55
N HIS B 296 -10.95 3.51 29.37
CA HIS B 296 -10.02 2.39 29.45
C HIS B 296 -8.86 2.66 30.39
N PRO B 297 -9.09 2.45 31.67
CA PRO B 297 -8.07 2.68 32.69
C PRO B 297 -6.89 1.79 32.45
N THR B 298 -7.18 0.59 31.99
CA THR B 298 -6.22 -0.45 31.70
C THR B 298 -5.26 -0.15 30.55
N TRP B 299 -5.64 0.82 29.70
CA TRP B 299 -4.81 1.16 28.57
C TRP B 299 -3.55 1.89 28.96
N GLY B 300 -2.53 1.69 28.12
CA GLY B 300 -1.24 2.34 28.30
C GLY B 300 -1.05 3.52 27.39
N ASP B 301 0.13 4.14 27.45
CA ASP B 301 0.40 5.31 26.62
C ASP B 301 0.18 5.00 25.15
N GLU B 302 1.12 4.25 24.58
CA GLU B 302 1.03 3.92 23.17
C GLU B 302 -0.38 3.64 22.67
N GLN B 303 -1.11 2.74 23.32
CA GLN B 303 -2.47 2.46 22.84
C GLN B 303 -3.36 3.69 22.86
N LEU B 304 -3.35 4.42 23.96
CA LEU B 304 -4.16 5.63 24.05
C LEU B 304 -3.74 6.53 22.88
N PHE B 305 -2.43 6.75 22.74
CA PHE B 305 -1.88 7.58 21.66
C PHE B 305 -2.35 7.14 20.29
N GLN B 306 -2.00 5.91 19.95
CA GLN B 306 -2.36 5.32 18.69
C GLN B 306 -3.86 5.46 18.42
N THR B 307 -4.66 5.24 19.46
CA THR B 307 -6.11 5.34 19.32
C THR B 307 -6.54 6.78 19.06
N ALA B 308 -5.95 7.71 19.80
CA ALA B 308 -6.28 9.12 19.68
C ALA B 308 -6.02 9.64 18.27
N ARG B 309 -4.89 9.24 17.70
CA ARG B 309 -4.54 9.63 16.36
C ARG B 309 -5.53 9.10 15.34
N LEU B 310 -6.04 7.90 15.58
CA LEU B 310 -7.04 7.32 14.68
C LEU B 310 -8.34 8.07 14.80
N ILE B 311 -8.68 8.52 16.00
CA ILE B 311 -9.92 9.26 16.17
C ILE B 311 -9.82 10.60 15.46
N LEU B 312 -8.66 11.27 15.60
CA LEU B 312 -8.47 12.55 14.95
C LEU B 312 -8.49 12.41 13.43
N ILE B 313 -7.88 11.36 12.89
CA ILE B 313 -7.88 11.15 11.43
C ILE B 313 -9.33 11.07 10.98
N GLY B 314 -10.17 10.38 11.76
CA GLY B 314 -11.57 10.29 11.43
C GLY B 314 -12.14 11.69 11.44
N GLU B 315 -11.97 12.40 12.56
CA GLU B 315 -12.49 13.77 12.68
C GLU B 315 -12.11 14.60 11.47
N THR B 316 -10.82 14.58 11.12
CA THR B 316 -10.32 15.33 9.98
C THR B 316 -11.04 15.02 8.69
N ILE B 317 -11.09 13.74 8.32
CA ILE B 317 -11.76 13.36 7.07
C ILE B 317 -13.19 13.87 7.07
N LYS B 318 -13.87 13.80 8.23
CA LYS B 318 -15.25 14.26 8.34
C LYS B 318 -15.43 15.72 8.03
N ILE B 319 -14.75 16.55 8.82
CA ILE B 319 -14.80 17.99 8.66
C ILE B 319 -14.35 18.40 7.28
N VAL B 320 -13.39 17.69 6.73
CA VAL B 320 -12.94 18.04 5.39
C VAL B 320 -14.05 17.87 4.34
N ILE B 321 -14.79 16.76 4.44
CA ILE B 321 -15.89 16.43 3.50
C ILE B 321 -17.19 17.21 3.72
N GLU B 322 -17.76 17.06 4.89
CA GLU B 322 -19.03 17.71 5.19
C GLU B 322 -19.05 19.23 5.36
N GLU B 323 -17.91 19.84 5.65
CA GLU B 323 -17.86 21.28 5.83
C GLU B 323 -16.92 21.96 4.82
N TYR B 324 -15.64 21.62 4.89
CA TYR B 324 -14.64 22.19 3.99
C TYR B 324 -14.99 21.96 2.52
N VAL B 325 -15.26 20.72 2.12
CA VAL B 325 -15.59 20.47 0.73
C VAL B 325 -16.97 21.00 0.40
N GLN B 326 -17.87 20.97 1.37
CA GLN B 326 -19.22 21.47 1.16
C GLN B 326 -19.17 22.95 0.77
N GLN B 327 -18.24 23.67 1.41
CA GLN B 327 -18.07 25.11 1.18
C GLN B 327 -17.41 25.42 -0.17
N LEU B 328 -16.30 24.77 -0.44
CA LEU B 328 -15.58 24.98 -1.67
C LEU B 328 -16.45 24.69 -2.90
N SER B 329 -17.31 23.68 -2.79
CA SER B 329 -18.15 23.27 -3.91
C SER B 329 -19.30 24.21 -4.19
N GLY B 330 -19.97 24.60 -3.11
CA GLY B 330 -21.11 25.50 -3.21
C GLY B 330 -22.37 24.75 -3.58
N TYR B 331 -22.30 23.43 -3.52
CA TYR B 331 -23.44 22.57 -3.86
C TYR B 331 -24.55 22.66 -2.82
N PHE B 332 -25.78 22.36 -3.24
CA PHE B 332 -26.92 22.35 -2.33
C PHE B 332 -27.11 20.96 -1.75
N LEU B 333 -26.56 19.97 -2.43
CA LEU B 333 -26.61 18.58 -1.99
C LEU B 333 -25.76 18.50 -0.73
N GLN B 334 -26.35 18.04 0.35
CA GLN B 334 -25.60 17.93 1.60
C GLN B 334 -24.62 16.74 1.50
N LEU B 335 -23.34 17.02 1.30
CA LEU B 335 -22.33 15.99 1.18
C LEU B 335 -22.31 15.15 2.46
N LYS B 336 -21.84 13.91 2.39
CA LYS B 336 -21.84 13.02 3.55
C LYS B 336 -20.63 12.09 3.67
N PHE B 337 -20.09 11.96 4.87
CA PHE B 337 -18.95 11.07 5.11
C PHE B 337 -19.45 9.81 5.79
N ASP B 338 -19.55 8.75 5.01
CA ASP B 338 -19.99 7.47 5.49
C ASP B 338 -19.24 6.47 4.67
N PRO B 339 -18.14 5.94 5.24
CA PRO B 339 -17.25 4.96 4.61
C PRO B 339 -17.99 3.78 4.04
N GLU B 340 -19.17 3.52 4.58
CA GLU B 340 -19.98 2.40 4.16
C GLU B 340 -20.60 2.53 2.78
N LEU B 341 -20.74 3.75 2.26
CA LEU B 341 -21.33 3.93 0.92
C LEU B 341 -20.47 3.24 -0.13
N LEU B 342 -19.21 3.00 0.22
CA LEU B 342 -18.30 2.35 -0.70
C LEU B 342 -18.16 0.86 -0.48
N PHE B 343 -18.62 0.35 0.68
CA PHE B 343 -18.51 -1.08 1.00
C PHE B 343 -19.12 -1.98 -0.08
N GLY B 344 -19.90 -1.38 -0.97
CA GLY B 344 -20.46 -2.15 -2.07
C GLY B 344 -19.55 -2.01 -3.28
N ALA B 345 -18.97 -0.82 -3.43
CA ALA B 345 -18.10 -0.51 -4.54
C ALA B 345 -16.83 -1.31 -4.62
N GLN B 346 -16.23 -1.27 -5.79
CA GLN B 346 -14.94 -1.90 -6.02
C GLN B 346 -14.08 -0.67 -5.82
N PHE B 347 -13.44 -0.55 -4.67
CA PHE B 347 -12.63 0.62 -4.36
C PHE B 347 -11.38 0.15 -3.69
N GLN B 348 -10.22 0.68 -4.07
CA GLN B 348 -8.96 0.27 -3.46
C GLN B 348 -8.63 1.29 -2.40
N TYR B 349 -8.46 0.81 -1.18
CA TYR B 349 -8.16 1.69 -0.08
C TYR B 349 -6.66 1.98 -0.07
N ARG B 350 -6.24 2.87 -0.97
CA ARG B 350 -4.84 3.26 -1.08
C ARG B 350 -4.73 4.56 -1.89
N ASN B 351 -3.84 5.46 -1.45
CA ASN B 351 -3.59 6.76 -2.09
C ASN B 351 -2.09 7.08 -2.28
N ARG B 352 -1.79 7.94 -3.27
CA ARG B 352 -0.41 8.35 -3.58
C ARG B 352 -0.41 9.77 -4.18
N ILE B 353 0.17 10.74 -3.47
CA ILE B 353 0.17 12.14 -3.92
C ILE B 353 0.82 12.43 -5.26
N ALA B 354 -0.03 12.91 -6.17
CA ALA B 354 0.39 13.23 -7.53
C ALA B 354 0.94 14.62 -7.68
N MET B 355 1.99 14.79 -8.47
CA MET B 355 2.56 16.11 -8.67
C MET B 355 1.52 17.06 -9.24
N GLU B 356 0.62 16.56 -10.08
CA GLU B 356 -0.42 17.40 -10.68
C GLU B 356 -1.33 17.98 -9.62
N PHE B 357 -1.71 17.14 -8.67
CA PHE B 357 -2.58 17.55 -7.59
C PHE B 357 -1.94 18.61 -6.70
N ASN B 358 -0.61 18.57 -6.56
CA ASN B 358 0.09 19.54 -5.76
C ASN B 358 0.01 20.92 -6.42
N GLN B 359 0.26 20.99 -7.73
CA GLN B 359 0.18 22.26 -8.44
C GLN B 359 -1.22 22.82 -8.27
N LEU B 360 -2.16 22.04 -8.76
CA LEU B 360 -3.57 22.32 -8.73
C LEU B 360 -4.13 22.73 -7.34
N TYR B 361 -3.34 22.58 -6.29
CA TYR B 361 -3.76 22.97 -4.95
C TYR B 361 -2.86 24.11 -4.45
N HIS B 362 -2.33 24.91 -5.37
CA HIS B 362 -1.48 26.07 -5.03
C HIS B 362 -2.33 27.34 -4.97
N TRP B 363 -3.38 27.27 -4.14
CA TRP B 363 -4.36 28.33 -3.94
C TRP B 363 -3.91 29.67 -3.33
N HIS B 364 -2.68 30.08 -3.60
CA HIS B 364 -2.15 31.32 -3.06
C HIS B 364 -3.03 32.57 -3.22
N PRO B 365 -3.88 32.59 -4.25
CA PRO B 365 -4.77 33.73 -4.45
C PRO B 365 -5.69 34.01 -3.25
N LEU B 366 -5.87 33.01 -2.38
CA LEU B 366 -6.73 33.18 -1.24
C LEU B 366 -6.24 34.25 -0.28
N MET B 367 -4.92 34.36 -0.11
CA MET B 367 -4.34 35.33 0.82
C MET B 367 -4.70 36.77 0.47
N PRO B 368 -5.24 37.49 1.44
CA PRO B 368 -5.68 38.89 1.36
C PRO B 368 -4.52 39.85 1.19
N ASP B 369 -4.86 41.14 1.21
CA ASP B 369 -3.86 42.20 1.06
C ASP B 369 -3.21 42.47 2.40
N SER B 370 -4.04 42.52 3.44
CA SER B 370 -3.59 42.79 4.80
C SER B 370 -4.33 41.85 5.74
N PHE B 371 -3.78 41.63 6.93
CA PHE B 371 -4.40 40.72 7.88
C PHE B 371 -5.02 41.46 9.03
N ARG B 372 -6.34 41.58 9.02
CA ARG B 372 -7.02 42.31 10.07
C ARG B 372 -7.43 41.46 11.26
N VAL B 373 -6.99 41.88 12.43
CA VAL B 373 -7.31 41.21 13.69
C VAL B 373 -7.99 42.23 14.59
N GLY B 374 -9.27 42.46 14.29
CA GLY B 374 -10.07 43.41 15.04
C GLY B 374 -9.89 44.80 14.47
N PRO B 375 -9.78 45.83 15.31
CA PRO B 375 -9.60 47.19 14.79
C PRO B 375 -8.20 47.29 14.20
N GLN B 376 -7.32 46.42 14.70
CA GLN B 376 -5.93 46.34 14.29
C GLN B 376 -5.79 45.64 12.95
N ASP B 377 -5.02 46.21 12.04
CA ASP B 377 -4.83 45.58 10.74
C ASP B 377 -3.34 45.39 10.49
N TYR B 378 -2.89 44.15 10.51
CA TYR B 378 -1.47 43.83 10.33
C TYR B 378 -1.06 43.61 8.90
N SER B 379 0.20 43.91 8.63
CA SER B 379 0.78 43.77 7.30
C SER B 379 1.44 42.41 7.17
N TYR B 380 1.75 42.02 5.93
CA TYR B 380 2.42 40.75 5.72
C TYR B 380 3.68 40.75 6.52
N GLU B 381 4.40 41.86 6.49
CA GLU B 381 5.65 41.98 7.23
C GLU B 381 5.47 42.00 8.77
N GLN B 382 4.24 42.04 9.23
CA GLN B 382 3.99 42.01 10.67
C GLN B 382 3.43 40.63 11.02
N PHE B 383 2.82 40.00 10.02
CA PHE B 383 2.21 38.69 10.16
C PHE B 383 3.17 37.52 9.96
N LEU B 384 3.75 37.44 8.76
CA LEU B 384 4.64 36.36 8.36
C LEU B 384 5.53 35.60 9.31
N PHE B 385 6.21 36.23 10.27
CA PHE B 385 6.99 35.40 11.16
C PHE B 385 6.76 35.74 12.61
N ASN B 386 5.63 36.40 12.84
CA ASN B 386 5.26 36.86 14.17
C ASN B 386 5.13 35.74 15.19
N THR B 387 6.10 35.66 16.08
CA THR B 387 6.11 34.62 17.11
C THR B 387 5.24 34.95 18.32
N SER B 388 4.60 36.12 18.33
CA SER B 388 3.79 36.50 19.48
C SER B 388 2.28 36.53 19.27
N MET B 389 1.86 36.96 18.08
CA MET B 389 0.43 37.09 17.77
C MET B 389 -0.50 36.03 18.34
N LEU B 390 -0.09 34.76 18.28
CA LEU B 390 -0.90 33.67 18.79
C LEU B 390 -1.09 33.72 20.30
N VAL B 391 0.00 33.79 21.05
CA VAL B 391 -0.09 33.82 22.51
C VAL B 391 -0.71 35.12 22.98
N ASP B 392 -0.45 36.18 22.22
CA ASP B 392 -0.96 37.49 22.53
C ASP B 392 -2.47 37.52 22.41
N TYR B 393 -2.95 37.34 21.19
CA TYR B 393 -4.39 37.34 20.94
C TYR B 393 -5.13 36.11 21.47
N GLY B 394 -4.49 34.94 21.36
CA GLY B 394 -5.11 33.71 21.81
C GLY B 394 -6.04 33.11 20.76
N VAL B 395 -6.25 31.80 20.86
CA VAL B 395 -7.10 31.04 19.91
C VAL B 395 -8.42 31.69 19.51
N GLU B 396 -9.30 31.83 20.49
CA GLU B 396 -10.64 32.39 20.27
C GLU B 396 -10.67 33.65 19.39
N ALA B 397 -9.88 34.66 19.80
CA ALA B 397 -9.79 35.95 19.08
C ALA B 397 -9.38 35.76 17.63
N LEU B 398 -8.25 35.11 17.43
CA LEU B 398 -7.76 34.89 16.08
C LEU B 398 -8.77 34.17 15.22
N VAL B 399 -9.45 33.18 15.81
CA VAL B 399 -10.46 32.44 15.06
C VAL B 399 -11.55 33.39 14.60
N ASP B 400 -12.07 34.17 15.52
CA ASP B 400 -13.15 35.11 15.20
C ASP B 400 -12.78 36.03 14.03
N ALA B 401 -11.56 36.54 14.06
CA ALA B 401 -11.06 37.43 13.01
C ALA B 401 -10.95 36.71 11.69
N PHE B 402 -10.20 35.61 11.67
CA PHE B 402 -10.04 34.86 10.44
C PHE B 402 -11.41 34.41 9.89
N SER B 403 -12.34 34.14 10.79
CA SER B 403 -13.66 33.69 10.40
C SER B 403 -14.46 34.81 9.79
N ARG B 404 -14.00 36.04 9.99
CA ARG B 404 -14.68 37.19 9.43
C ARG B 404 -14.02 37.76 8.19
N GLN B 405 -12.70 37.68 8.10
CA GLN B 405 -12.02 38.23 6.93
C GLN B 405 -12.23 37.33 5.73
N PRO B 406 -12.71 37.90 4.62
CA PRO B 406 -12.92 37.08 3.44
C PRO B 406 -11.64 36.95 2.65
N ALA B 407 -11.44 35.77 2.07
CA ALA B 407 -10.27 35.47 1.26
C ALA B 407 -10.57 35.82 -0.18
N GLY B 408 -9.54 35.78 -1.02
CA GLY B 408 -9.71 36.13 -2.42
C GLY B 408 -10.25 35.05 -3.33
N ARG B 409 -10.64 35.45 -4.53
CA ARG B 409 -11.17 34.51 -5.51
C ARG B 409 -9.93 33.77 -6.00
N ILE B 410 -10.06 32.46 -6.17
CA ILE B 410 -8.94 31.66 -6.61
C ILE B 410 -8.71 31.73 -8.10
N GLY B 411 -9.76 31.46 -8.88
CA GLY B 411 -9.64 31.49 -10.33
C GLY B 411 -9.90 32.87 -10.89
N GLY B 412 -9.81 33.00 -12.20
CA GLY B 412 -10.09 34.28 -12.82
C GLY B 412 -8.91 35.10 -13.31
N GLY B 413 -7.80 35.10 -12.57
CA GLY B 413 -6.63 35.85 -12.97
C GLY B 413 -6.38 37.10 -12.15
N ARG B 414 -5.11 37.52 -12.15
CA ARG B 414 -4.60 38.71 -11.47
C ARG B 414 -5.12 38.94 -10.05
N ASN B 415 -4.98 37.94 -9.18
CA ASN B 415 -5.43 38.09 -7.80
C ASN B 415 -4.51 37.45 -6.76
N ILE B 416 -3.22 37.39 -7.07
CA ILE B 416 -2.22 36.82 -6.15
C ILE B 416 -1.41 37.96 -5.56
N ASP B 417 -1.57 38.23 -4.26
CA ASP B 417 -0.83 39.35 -3.62
C ASP B 417 0.68 39.29 -3.88
N HIS B 418 1.24 40.41 -4.32
CA HIS B 418 2.66 40.47 -4.65
C HIS B 418 3.66 39.89 -3.64
N HIS B 419 3.28 39.87 -2.37
CA HIS B 419 4.18 39.32 -1.35
C HIS B 419 4.51 37.85 -1.62
N ILE B 420 3.61 37.14 -2.28
CA ILE B 420 3.84 35.73 -2.54
C ILE B 420 3.78 35.39 -4.00
N LEU B 421 3.82 36.40 -4.86
CA LEU B 421 3.76 36.16 -6.30
C LEU B 421 4.94 35.29 -6.72
N HIS B 422 6.04 35.35 -5.97
CA HIS B 422 7.20 34.55 -6.31
C HIS B 422 6.89 33.06 -6.34
N VAL B 423 6.04 32.64 -5.42
CA VAL B 423 5.70 31.25 -5.33
C VAL B 423 5.18 30.78 -6.69
N ALA B 424 4.19 31.48 -7.24
CA ALA B 424 3.62 31.08 -8.52
C ALA B 424 4.64 31.07 -9.64
N VAL B 425 5.63 31.95 -9.53
CA VAL B 425 6.66 32.00 -10.55
C VAL B 425 7.40 30.67 -10.51
N ASP B 426 7.70 30.24 -9.28
CA ASP B 426 8.40 29.00 -9.03
C ASP B 426 7.58 27.79 -9.50
N VAL B 427 6.29 27.77 -9.17
CA VAL B 427 5.42 26.65 -9.56
C VAL B 427 5.49 26.40 -11.05
N ILE B 428 5.49 27.48 -11.83
CA ILE B 428 5.56 27.36 -13.27
C ILE B 428 6.88 26.72 -13.66
N LYS B 429 7.97 27.24 -13.12
CA LYS B 429 9.28 26.68 -13.45
C LYS B 429 9.36 25.19 -13.11
N GLU B 430 8.94 24.85 -11.90
CA GLU B 430 8.95 23.50 -11.40
C GLU B 430 8.14 22.57 -12.27
N SER B 431 7.06 23.09 -12.83
CA SER B 431 6.21 22.27 -13.67
C SER B 431 6.98 21.91 -14.91
N ARG B 432 7.81 22.84 -15.34
CA ARG B 432 8.63 22.61 -16.52
C ARG B 432 9.71 21.58 -16.25
N VAL B 433 10.28 21.57 -15.05
CA VAL B 433 11.30 20.61 -14.70
C VAL B 433 10.63 19.25 -14.68
N LEU B 434 9.42 19.20 -14.18
CA LEU B 434 8.66 17.97 -14.13
C LEU B 434 8.22 17.58 -15.53
N ARG B 435 8.31 18.51 -16.47
CA ARG B 435 7.89 18.24 -17.84
C ARG B 435 6.41 17.86 -17.97
N LEU B 436 5.56 18.47 -17.13
CA LEU B 436 4.10 18.21 -17.16
C LEU B 436 3.58 18.43 -18.59
N GLN B 437 2.55 17.68 -18.97
CA GLN B 437 1.96 17.84 -20.30
C GLN B 437 1.15 19.14 -20.38
N PRO B 438 0.61 19.47 -21.57
CA PRO B 438 -0.19 20.68 -21.78
C PRO B 438 -1.55 20.64 -21.10
N PHE B 439 -2.04 21.82 -20.74
CA PHE B 439 -3.32 21.97 -20.06
C PHE B 439 -4.36 21.23 -20.88
N ASN B 440 -4.47 21.57 -22.15
CA ASN B 440 -5.46 20.91 -22.98
C ASN B 440 -5.50 19.39 -22.94
N GLU B 441 -4.35 18.76 -22.69
CA GLU B 441 -4.26 17.30 -22.61
C GLU B 441 -4.93 16.87 -21.33
N TYR B 442 -4.54 17.50 -20.22
CA TYR B 442 -5.12 17.19 -18.93
C TYR B 442 -6.63 17.37 -19.01
N ARG B 443 -7.08 18.41 -19.71
CA ARG B 443 -8.52 18.66 -19.88
C ARG B 443 -9.19 17.37 -20.38
N LYS B 444 -8.63 16.82 -21.44
CA LYS B 444 -9.18 15.64 -22.04
C LYS B 444 -9.14 14.53 -21.05
N ARG B 445 -7.95 14.29 -20.53
CA ARG B 445 -7.71 13.21 -19.59
C ARG B 445 -8.69 13.14 -18.42
N PHE B 446 -9.03 14.30 -17.87
CA PHE B 446 -9.94 14.34 -16.75
C PHE B 446 -11.38 14.44 -17.19
N GLY B 447 -11.63 13.98 -18.40
CA GLY B 447 -12.97 13.93 -18.96
C GLY B 447 -13.55 15.16 -19.61
N MET B 448 -12.72 16.08 -20.05
CA MET B 448 -13.25 17.28 -20.65
C MET B 448 -12.80 17.48 -22.09
N LYS B 449 -13.45 18.43 -22.76
CA LYS B 449 -13.13 18.75 -24.14
C LYS B 449 -11.98 19.72 -24.05
N PRO B 450 -11.09 19.71 -25.03
CA PRO B 450 -9.97 20.63 -24.98
C PRO B 450 -10.41 21.97 -25.55
N TYR B 451 -9.87 23.06 -25.02
CA TYR B 451 -10.19 24.40 -25.49
C TYR B 451 -9.71 24.61 -26.91
N THR B 452 -10.52 25.30 -27.70
CA THR B 452 -10.20 25.58 -29.09
C THR B 452 -9.51 26.91 -29.31
N SER B 453 -9.59 27.79 -28.33
CA SER B 453 -8.95 29.10 -28.46
C SER B 453 -8.65 29.69 -27.09
N PHE B 454 -7.84 30.73 -27.07
CA PHE B 454 -7.51 31.37 -25.80
C PHE B 454 -8.69 32.18 -25.31
N GLN B 455 -9.47 32.69 -26.25
CA GLN B 455 -10.63 33.48 -25.93
C GLN B 455 -11.77 32.61 -25.39
N GLU B 456 -11.62 31.30 -25.55
CA GLU B 456 -12.63 30.36 -25.06
C GLU B 456 -12.29 30.06 -23.62
N LEU B 457 -10.99 29.95 -23.36
CA LEU B 457 -10.46 29.67 -22.05
C LEU B 457 -10.82 30.82 -21.12
N THR B 458 -10.20 31.97 -21.33
CA THR B 458 -10.52 33.14 -20.51
C THR B 458 -11.86 33.54 -21.11
N GLY B 459 -12.71 34.20 -20.34
CA GLY B 459 -13.99 34.58 -20.93
C GLY B 459 -13.91 35.90 -21.69
N GLU B 460 -12.74 36.24 -22.23
CA GLU B 460 -12.58 37.53 -22.89
C GLU B 460 -11.65 37.59 -24.08
N LYS B 461 -11.42 38.81 -24.56
CA LYS B 461 -10.58 39.01 -25.72
C LYS B 461 -9.22 39.63 -25.48
N GLU B 462 -9.07 40.35 -24.37
CA GLU B 462 -7.81 41.02 -24.05
C GLU B 462 -6.69 40.05 -23.68
N MET B 463 -6.77 39.45 -22.50
CA MET B 463 -5.75 38.47 -22.05
C MET B 463 -5.59 37.34 -23.08
N ALA B 464 -6.72 36.86 -23.59
CA ALA B 464 -6.73 35.79 -24.58
C ALA B 464 -5.77 36.11 -25.72
N ALA B 465 -5.82 37.34 -26.18
CA ALA B 465 -4.96 37.78 -27.26
C ALA B 465 -3.49 37.68 -26.90
N GLU B 466 -3.12 38.19 -25.73
CA GLU B 466 -1.72 38.16 -25.34
C GLU B 466 -1.22 36.73 -25.11
N LEU B 467 -2.03 35.94 -24.43
CA LEU B 467 -1.66 34.55 -24.15
C LEU B 467 -1.42 33.85 -25.47
N GLU B 468 -2.19 34.25 -26.48
CA GLU B 468 -2.05 33.68 -27.79
C GLU B 468 -0.72 34.06 -28.40
N GLU B 469 -0.37 35.34 -28.33
CA GLU B 469 0.89 35.77 -28.89
C GLU B 469 2.06 35.22 -28.11
N LEU B 470 1.85 34.95 -26.82
CA LEU B 470 2.91 34.41 -25.97
C LEU B 470 3.13 32.91 -26.16
N TYR B 471 2.05 32.15 -26.06
CA TYR B 471 2.11 30.70 -26.19
C TYR B 471 2.13 30.22 -27.64
N GLY B 472 1.34 30.89 -28.47
CA GLY B 472 1.27 30.50 -29.87
C GLY B 472 0.14 29.53 -30.16
N ASP B 473 -0.10 28.58 -29.26
CA ASP B 473 -1.15 27.60 -29.48
C ASP B 473 -1.86 27.28 -28.18
N ILE B 474 -3.18 27.12 -28.22
CA ILE B 474 -3.89 26.82 -26.98
C ILE B 474 -3.44 25.44 -26.53
N ASP B 475 -3.08 24.61 -27.49
CA ASP B 475 -2.60 23.29 -27.18
C ASP B 475 -1.18 23.36 -26.68
N ALA B 476 -0.72 24.56 -26.34
CA ALA B 476 0.61 24.74 -25.79
C ALA B 476 0.47 25.39 -24.42
N LEU B 477 -0.70 25.92 -24.10
CA LEU B 477 -0.95 26.54 -22.81
C LEU B 477 -0.65 25.50 -21.73
N GLU B 478 0.20 25.89 -20.78
CA GLU B 478 0.61 25.02 -19.69
C GLU B 478 -0.48 24.75 -18.65
N PHE B 479 -0.16 23.85 -17.73
CA PHE B 479 -1.06 23.44 -16.67
C PHE B 479 -1.52 24.52 -15.71
N TYR B 480 -0.62 24.95 -14.84
CA TYR B 480 -0.96 25.96 -13.83
C TYR B 480 -1.54 27.28 -14.36
N PRO B 481 -0.91 27.86 -15.42
CA PRO B 481 -1.40 29.12 -15.98
C PRO B 481 -2.79 28.92 -16.57
N GLY B 482 -3.00 27.79 -17.23
CA GLY B 482 -4.30 27.48 -17.80
C GLY B 482 -5.28 27.33 -16.65
N LEU B 483 -4.89 26.62 -15.60
CA LEU B 483 -5.75 26.42 -14.43
C LEU B 483 -6.26 27.70 -13.78
N LEU B 484 -5.34 28.64 -13.54
CA LEU B 484 -5.67 29.91 -12.92
C LEU B 484 -6.33 30.95 -13.82
N LEU B 485 -5.99 30.95 -15.11
CA LEU B 485 -6.55 31.93 -16.04
C LEU B 485 -7.91 31.54 -16.64
N GLU B 486 -8.21 30.23 -16.70
CA GLU B 486 -9.50 29.77 -17.23
C GLU B 486 -10.63 30.49 -16.52
N LYS B 487 -11.61 30.90 -17.30
CA LYS B 487 -12.77 31.64 -16.82
C LYS B 487 -13.53 30.94 -15.71
N CYS B 488 -13.85 31.71 -14.69
CA CYS B 488 -14.58 31.22 -13.52
C CYS B 488 -16.06 30.89 -13.72
N HIS B 489 -16.53 29.90 -12.97
CA HIS B 489 -17.93 29.52 -13.00
C HIS B 489 -18.67 30.73 -12.43
N PRO B 490 -19.91 30.96 -12.90
CA PRO B 490 -20.81 32.05 -12.50
C PRO B 490 -20.39 32.92 -11.29
N ASN B 491 -20.53 32.35 -10.09
CA ASN B 491 -20.15 33.06 -8.86
C ASN B 491 -19.33 32.09 -8.07
N SER B 492 -18.31 31.56 -8.71
CA SER B 492 -17.48 30.57 -8.06
C SER B 492 -16.08 31.02 -7.76
N ILE B 493 -15.43 30.30 -6.86
CA ILE B 493 -14.08 30.59 -6.41
C ILE B 493 -13.06 30.21 -7.48
N PHE B 494 -13.50 29.38 -8.41
CA PHE B 494 -12.67 28.95 -9.53
C PHE B 494 -13.53 28.44 -10.68
N GLY B 495 -12.87 27.87 -11.69
CA GLY B 495 -13.60 27.37 -12.83
C GLY B 495 -13.59 25.86 -13.03
N GLU B 496 -14.37 25.46 -14.03
CA GLU B 496 -14.56 24.08 -14.42
C GLU B 496 -13.38 23.13 -14.12
N SER B 497 -12.22 23.36 -14.70
CA SER B 497 -11.08 22.46 -14.50
C SER B 497 -10.55 22.27 -13.09
N MET B 498 -10.47 23.36 -12.35
CA MET B 498 -9.94 23.30 -10.99
C MET B 498 -10.72 22.28 -10.20
N ILE B 499 -12.01 22.19 -10.48
CA ILE B 499 -12.84 21.28 -9.74
C ILE B 499 -12.88 19.91 -10.40
N GLU B 500 -13.03 19.90 -11.71
CA GLU B 500 -13.12 18.66 -12.47
C GLU B 500 -11.85 17.80 -12.50
N MET B 501 -10.71 18.38 -12.09
CA MET B 501 -9.41 17.71 -12.05
C MET B 501 -9.00 17.51 -10.60
N GLY B 502 -9.39 18.45 -9.76
CA GLY B 502 -9.04 18.40 -8.36
C GLY B 502 -9.89 17.49 -7.52
N ALA B 503 -11.19 17.49 -7.78
CA ALA B 503 -12.13 16.67 -7.03
C ALA B 503 -11.70 15.23 -6.92
N PRO B 504 -11.34 14.59 -8.05
CA PRO B 504 -10.90 13.18 -8.03
C PRO B 504 -9.69 12.97 -7.14
N PHE B 505 -8.63 13.72 -7.38
CA PHE B 505 -7.45 13.60 -6.57
C PHE B 505 -7.86 13.76 -5.11
N SER B 506 -8.83 14.64 -4.86
CA SER B 506 -9.31 14.93 -3.52
C SER B 506 -10.10 13.82 -2.84
N LEU B 507 -11.21 13.41 -3.44
CA LEU B 507 -12.02 12.36 -2.83
C LEU B 507 -11.30 11.03 -2.74
N LYS B 508 -10.40 10.75 -3.67
CA LYS B 508 -9.67 9.48 -3.61
C LYS B 508 -8.77 9.48 -2.39
N GLY B 509 -8.02 10.56 -2.21
CA GLY B 509 -7.12 10.67 -1.08
C GLY B 509 -7.82 10.81 0.26
N LEU B 510 -9.14 10.89 0.22
CA LEU B 510 -9.95 11.02 1.42
C LEU B 510 -10.56 9.66 1.77
N LEU B 511 -11.34 9.09 0.85
CA LEU B 511 -11.96 7.80 1.10
C LEU B 511 -10.96 6.67 1.04
N GLY B 512 -9.85 6.89 0.33
CA GLY B 512 -8.83 5.86 0.21
C GLY B 512 -8.02 5.53 1.46
N ASN B 513 -8.12 6.38 2.49
CA ASN B 513 -7.43 6.19 3.76
C ASN B 513 -7.88 4.86 4.38
N PRO B 514 -6.94 4.05 4.92
CA PRO B 514 -7.28 2.75 5.51
C PRO B 514 -8.36 2.73 6.58
N ILE B 515 -8.48 3.77 7.40
CA ILE B 515 -9.54 3.74 8.40
C ILE B 515 -10.93 3.75 7.75
N CYS B 516 -11.00 3.93 6.42
CA CYS B 516 -12.28 3.96 5.72
C CYS B 516 -12.63 2.61 5.13
N SER B 517 -11.74 1.66 5.32
CA SER B 517 -11.97 0.32 4.79
C SER B 517 -12.87 -0.39 5.77
N PRO B 518 -13.50 -1.47 5.32
CA PRO B 518 -14.41 -2.28 6.13
C PRO B 518 -13.65 -2.94 7.27
N GLU B 519 -12.35 -3.12 7.09
CA GLU B 519 -11.52 -3.74 8.10
C GLU B 519 -11.31 -2.85 9.31
N TYR B 520 -11.13 -1.56 9.04
CA TYR B 520 -10.89 -0.57 10.08
C TYR B 520 -12.09 0.23 10.56
N TRP B 521 -13.13 0.32 9.74
CA TRP B 521 -14.31 1.09 10.12
C TRP B 521 -15.22 0.31 11.07
N LYS B 522 -14.66 -0.05 12.22
CA LYS B 522 -15.35 -0.78 13.28
C LYS B 522 -15.24 0.13 14.49
N ALA B 523 -16.20 0.04 15.40
CA ALA B 523 -16.12 0.89 16.58
C ALA B 523 -14.92 0.53 17.47
N SER B 524 -14.53 -0.74 17.47
CA SER B 524 -13.39 -1.16 18.30
C SER B 524 -12.11 -0.42 17.87
N THR B 525 -12.03 -0.08 16.60
CA THR B 525 -10.87 0.61 16.09
C THR B 525 -10.56 1.92 16.80
N PHE B 526 -11.62 2.63 17.20
CA PHE B 526 -11.51 3.92 17.88
C PHE B 526 -11.70 3.87 19.39
N GLY B 527 -11.59 2.68 19.96
CA GLY B 527 -11.74 2.53 21.40
C GLY B 527 -13.16 2.33 21.92
N GLY B 528 -14.12 2.20 21.02
CA GLY B 528 -15.50 1.98 21.43
C GLY B 528 -16.46 3.02 20.87
N GLU B 529 -17.70 2.99 21.32
CA GLU B 529 -18.67 3.94 20.81
C GLU B 529 -18.18 5.39 20.97
N VAL B 530 -17.63 5.72 22.12
CA VAL B 530 -17.13 7.08 22.38
C VAL B 530 -16.16 7.58 21.33
N GLY B 531 -15.17 6.76 21.01
CA GLY B 531 -14.21 7.15 20.02
C GLY B 531 -14.92 7.28 18.69
N PHE B 532 -15.68 6.24 18.34
CA PHE B 532 -16.38 6.22 17.09
C PHE B 532 -17.25 7.43 16.85
N ASN B 533 -18.14 7.72 17.78
CA ASN B 533 -19.02 8.86 17.65
C ASN B 533 -18.24 10.13 17.45
N LEU B 534 -17.21 10.34 18.26
CA LEU B 534 -16.36 11.53 18.14
C LEU B 534 -16.14 11.74 16.64
N VAL B 535 -15.78 10.67 15.95
CA VAL B 535 -15.55 10.73 14.52
C VAL B 535 -16.84 11.04 13.77
N LYS B 536 -17.86 10.24 14.01
CA LYS B 536 -19.12 10.41 13.32
C LYS B 536 -19.78 11.76 13.55
N THR B 537 -19.29 12.52 14.53
CA THR B 537 -19.92 13.80 14.82
C THR B 537 -19.08 15.05 14.59
N ALA B 538 -17.75 14.87 14.54
CA ALA B 538 -16.82 15.96 14.36
C ALA B 538 -17.34 17.18 13.60
N THR B 539 -17.04 18.35 14.13
CA THR B 539 -17.45 19.56 13.45
C THR B 539 -16.48 20.69 13.75
N LEU B 540 -16.25 21.53 12.75
CA LEU B 540 -15.33 22.66 12.90
C LEU B 540 -15.64 23.48 14.13
N LYS B 541 -16.91 23.59 14.52
CA LYS B 541 -17.25 24.37 15.72
C LYS B 541 -16.82 23.64 17.00
N LYS B 542 -17.16 22.36 17.08
CA LYS B 542 -16.79 21.54 18.24
C LYS B 542 -15.26 21.48 18.35
N LEU B 543 -14.59 21.31 17.21
CA LEU B 543 -13.14 21.25 17.16
C LEU B 543 -12.61 22.46 17.90
N VAL B 544 -13.17 23.63 17.60
CA VAL B 544 -12.69 24.83 18.24
C VAL B 544 -13.20 25.03 19.66
N CYS B 545 -14.50 25.23 19.78
CA CYS B 545 -15.11 25.53 21.05
C CYS B 545 -14.99 24.54 22.20
N LEU B 546 -14.53 23.33 21.93
CA LEU B 546 -14.37 22.38 23.01
C LEU B 546 -12.93 22.41 23.47
N ASN B 547 -12.14 23.27 22.86
CA ASN B 547 -10.75 23.40 23.24
C ASN B 547 -10.42 24.86 23.49
N THR B 548 -11.45 25.68 23.70
CA THR B 548 -11.29 27.10 23.94
C THR B 548 -12.20 27.57 25.07
N LYS B 549 -11.74 28.58 25.81
CA LYS B 549 -12.51 29.14 26.95
C LYS B 549 -13.85 29.67 26.51
N THR B 550 -13.87 30.30 25.35
CA THR B 550 -15.10 30.83 24.82
C THR B 550 -15.26 30.47 23.37
N CYS B 551 -16.50 30.26 22.98
CA CYS B 551 -16.77 29.90 21.60
C CYS B 551 -17.01 31.14 20.79
N PRO B 552 -16.11 31.43 19.86
CA PRO B 552 -16.22 32.60 18.98
C PRO B 552 -17.10 32.32 17.77
N TYR B 553 -17.08 33.23 16.81
CA TYR B 553 -17.84 33.02 15.60
C TYR B 553 -16.83 32.12 14.90
N VAL B 554 -17.23 30.90 14.60
CA VAL B 554 -16.30 30.00 13.95
C VAL B 554 -16.99 29.35 12.77
N SER B 555 -16.45 29.61 11.58
CA SER B 555 -17.00 29.09 10.34
C SER B 555 -16.04 29.22 9.14
N PHE B 556 -16.34 28.52 8.05
CA PHE B 556 -15.52 28.63 6.84
C PHE B 556 -16.13 29.70 5.95
N HIS B 557 -17.36 30.07 6.27
CA HIS B 557 -18.10 31.07 5.52
C HIS B 557 -18.01 32.37 6.30
N VAL B 558 -17.75 33.45 5.58
CA VAL B 558 -17.69 34.76 6.21
C VAL B 558 -19.12 34.96 6.69
N PRO B 559 -19.30 35.64 7.82
CA PRO B 559 -20.65 35.87 8.34
C PRO B 559 -21.50 36.68 7.38
#